data_6HI9
#
_entry.id   6HI9
#
_cell.length_a   141.910
_cell.length_b   64.320
_cell.length_c   116.140
_cell.angle_alpha   90.00
_cell.angle_beta   102.69
_cell.angle_gamma   90.00
#
_symmetry.space_group_name_H-M   'C 1 2 1'
#
loop_
_entity.id
_entity.type
_entity.pdbx_description
1 polymer 'Phosphatidylinositol 4,5-bisphosphate 3-kinase catalytic subunit delta isoform'
2 non-polymer 3-[6-(oxan-4-yl)pyridin-2-yl]phenol
3 water water
#
_entity_poly.entity_id   1
_entity_poly.type   'polypeptide(L)'
_entity_poly.pdbx_seq_one_letter_code
;GGDRVKKLINSQISLLIGKGLHEFDSLRDPEVNDFRTKMRQFCEEAAAHRQQLGWVEWLQYSFPLQLEPSARGWRAGLLR
VSNRALLVNVKFEGSEESFTFQVSTKDMPLALMACALRKKATVFRQPLVEQPEEYALQVNGRHEYLYGNYPLCHFQYICS
CLHSGLTPHLTMVHSSSILAMRDEQSNPAPQVQKPRAKPPPIPAKKPSSVSLWSLEQPFSIELIEGRKVNADERMKLVVQ
AGLFHGNEMLCKTVSSSEVNVCSEPVWKQRLEFDISVCDLPRMARLCFALYAVVEKAKKARSTKKKSKKADCPIAWANLM
LFDYKDQLKTGERCLYMWPSVPDEKGELLNPAGTVRGNPNTESAAALVIYLPEVAPHPVYFPALEKILELGRHGERGRIT
EEEQLQLREILERRGSGELYEHEKDLVWKMRHEVQEHFPEALARLLLVTKWNKHEDVAQMLYLLCSWPELPVLSALELLD
FSFPDCYVGSFAIKSLRKLTDDELFQYLLQLVQVLKYESYLDCELTKFLLGRALANRKIGHFLFWHLRSEMHVPSVALRF
GLIMEAYCRGSTHHMKVLMKQGEALSKLKALNDFVKVSSQKTTKPQTKEMMHMCMRQETYMEALSHLQSPLDPSTLLEEV
CVEQCTFMDSKMKPLWIMYSSEEAGSAGNVGIIFKNGDDLRQDMLTLQMIQLMDVLWKQEGLDLRMTPYGCLPTGDRTGL
IEVVLHSDTIANIQLNKSNMAATAAFNKDALLNWLKSKNPGEALDRAIEEFTLSCAGYCVATYVLGIGDRHSDNIMIRES
GQLFHIDFGHFLGNFKTKFGINRERVPFILTYDFVHVIQQGKTNNSEKFERFRGYCERAYTILRRHGLLFLHLFALMRAA
GLPELSCSKDIQYLKDSLALGKTEEEALKHFRVKFNEALRESWKTKVNWLAHNVSKDNRQ
;
_entity_poly.pdbx_strand_id   A
#
# COMPACT_ATOMS: atom_id res chain seq x y z
N ASP A 3 34.89 14.56 -2.14
CA ASP A 3 35.24 13.72 -0.99
C ASP A 3 35.18 12.23 -1.32
N ARG A 4 36.01 11.42 -0.62
CA ARG A 4 36.06 9.95 -0.76
C ARG A 4 34.76 9.32 -0.26
N VAL A 5 34.13 9.97 0.75
CA VAL A 5 32.92 9.48 1.41
C VAL A 5 31.67 9.73 0.57
N LYS A 6 31.61 10.87 -0.15
CA LYS A 6 30.51 11.21 -1.06
C LYS A 6 30.50 10.19 -2.22
N LYS A 7 31.69 9.85 -2.77
CA LYS A 7 31.84 8.87 -3.85
C LYS A 7 31.35 7.51 -3.41
N LEU A 8 31.69 7.10 -2.15
CA LEU A 8 31.28 5.84 -1.56
C LEU A 8 29.78 5.84 -1.35
N ILE A 9 29.23 6.90 -0.74
CA ILE A 9 27.78 7.03 -0.53
C ILE A 9 27.06 6.91 -1.88
N ASN A 10 27.58 7.60 -2.95
CA ASN A 10 27.01 7.55 -4.30
C ASN A 10 26.97 6.12 -4.87
N SER A 11 28.05 5.33 -4.71
CA SER A 11 28.06 3.94 -5.17
C SER A 11 27.12 3.04 -4.32
N GLN A 12 26.98 3.33 -3.01
CA GLN A 12 26.06 2.57 -2.12
C GLN A 12 24.59 2.83 -2.48
N ILE A 13 24.24 4.10 -2.82
CA ILE A 13 22.87 4.42 -3.24
C ILE A 13 22.61 3.69 -4.57
N SER A 14 23.57 3.79 -5.51
CA SER A 14 23.46 3.13 -6.83
C SER A 14 23.13 1.65 -6.69
N LEU A 15 23.87 0.95 -5.83
CA LEU A 15 23.70 -0.46 -5.56
C LEU A 15 22.35 -0.74 -4.92
N LEU A 16 21.98 0.03 -3.88
CA LEU A 16 20.76 -0.15 -3.14
C LEU A 16 19.49 -0.01 -3.97
N ILE A 17 19.40 1.09 -4.76
CA ILE A 17 18.21 1.41 -5.55
C ILE A 17 18.13 0.60 -6.85
N GLY A 18 19.23 -0.04 -7.23
CA GLY A 18 19.28 -0.85 -8.44
C GLY A 18 19.40 -0.07 -9.74
N LYS A 19 19.97 1.15 -9.69
CA LYS A 19 20.20 2.03 -10.84
C LYS A 19 21.39 2.93 -10.52
N GLY A 20 22.36 2.99 -11.42
CA GLY A 20 23.54 3.83 -11.24
C GLY A 20 23.16 5.29 -11.28
N LEU A 21 23.64 6.10 -10.30
CA LEU A 21 23.34 7.54 -10.29
C LEU A 21 23.83 8.28 -11.56
N HIS A 22 24.85 7.71 -12.25
CA HIS A 22 25.42 8.24 -13.49
C HIS A 22 24.36 8.29 -14.61
N GLU A 23 23.39 7.36 -14.55
CA GLU A 23 22.27 7.25 -15.50
C GLU A 23 21.33 8.44 -15.39
N PHE A 24 21.25 9.08 -14.20
CA PHE A 24 20.42 10.28 -14.03
C PHE A 24 21.07 11.46 -14.77
N ASP A 25 22.37 11.70 -14.50
CA ASP A 25 23.17 12.77 -15.13
C ASP A 25 23.22 12.63 -16.64
N SER A 26 23.32 11.38 -17.16
CA SER A 26 23.39 11.09 -18.60
C SER A 26 22.19 11.56 -19.42
N LEU A 27 21.00 11.69 -18.78
CA LEU A 27 19.77 12.15 -19.41
C LEU A 27 19.84 13.62 -19.82
N ARG A 28 20.72 14.39 -19.13
CA ARG A 28 20.91 15.83 -19.32
C ARG A 28 19.53 16.50 -19.41
N ASP A 29 18.69 16.16 -18.42
CA ASP A 29 17.30 16.58 -18.30
C ASP A 29 17.17 17.56 -17.13
N PRO A 30 16.90 18.86 -17.41
CA PRO A 30 16.80 19.86 -16.32
C PRO A 30 15.74 19.56 -15.25
N GLU A 31 14.63 18.90 -15.64
CA GLU A 31 13.59 18.51 -14.68
C GLU A 31 14.15 17.50 -13.67
N VAL A 32 14.95 16.55 -14.17
CA VAL A 32 15.63 15.54 -13.35
C VAL A 32 16.63 16.24 -12.41
N ASN A 33 17.45 17.13 -12.97
CA ASN A 33 18.46 17.91 -12.25
C ASN A 33 17.87 18.73 -11.12
N ASP A 34 16.77 19.47 -11.39
CA ASP A 34 16.09 20.30 -10.39
C ASP A 34 15.46 19.47 -9.30
N PHE A 35 14.85 18.33 -9.67
CA PHE A 35 14.29 17.42 -8.68
C PHE A 35 15.39 16.95 -7.73
N ARG A 36 16.54 16.53 -8.27
CA ARG A 36 17.64 15.98 -7.48
C ARG A 36 18.21 16.96 -6.48
N THR A 37 18.45 18.19 -6.92
CA THR A 37 18.97 19.28 -6.10
C THR A 37 17.96 19.73 -5.03
N LYS A 38 16.70 19.98 -5.43
CA LYS A 38 15.68 20.45 -4.51
C LYS A 38 15.35 19.38 -3.47
N MET A 39 15.25 18.11 -3.89
CA MET A 39 14.89 17.07 -2.94
C MET A 39 16.05 16.67 -2.07
N ARG A 40 17.30 16.81 -2.56
CA ARG A 40 18.48 16.50 -1.74
C ARG A 40 18.55 17.49 -0.59
N GLN A 41 18.29 18.78 -0.87
CA GLN A 41 18.30 19.86 0.12
C GLN A 41 17.18 19.64 1.16
N PHE A 42 15.95 19.39 0.69
CA PHE A 42 14.80 19.13 1.56
C PHE A 42 15.08 17.94 2.50
N CYS A 43 15.67 16.85 1.97
CA CYS A 43 15.93 15.63 2.74
C CYS A 43 17.09 15.79 3.75
N GLU A 44 18.13 16.52 3.39
CA GLU A 44 19.26 16.80 4.28
C GLU A 44 18.87 17.73 5.45
N GLU A 45 17.90 18.65 5.22
CA GLU A 45 17.35 19.52 6.28
C GLU A 45 16.59 18.67 7.31
N ALA A 46 15.83 17.64 6.85
CA ALA A 46 15.13 16.70 7.71
C ALA A 46 16.11 15.91 8.55
N ALA A 47 17.24 15.48 7.95
CA ALA A 47 18.28 14.72 8.64
C ALA A 47 18.93 15.55 9.77
N ALA A 48 19.25 16.84 9.52
CA ALA A 48 19.84 17.76 10.53
C ALA A 48 18.85 18.01 11.70
N HIS A 49 17.55 18.16 11.40
CA HIS A 49 16.52 18.34 12.44
C HIS A 49 16.41 17.06 13.31
N ARG A 50 16.58 15.90 12.68
CA ARG A 50 16.52 14.62 13.36
C ARG A 50 17.70 14.38 14.31
N GLN A 51 18.89 14.80 13.92
CA GLN A 51 20.08 14.53 14.73
C GLN A 51 20.13 15.29 16.06
N GLN A 52 19.25 16.29 16.19
CA GLN A 52 19.15 17.08 17.41
C GLN A 52 17.87 16.79 18.20
N LEU A 53 17.01 15.83 17.74
CA LEU A 53 15.79 15.48 18.47
C LEU A 53 16.12 15.15 19.93
N GLY A 54 15.16 15.40 20.81
CA GLY A 54 15.23 14.95 22.19
C GLY A 54 15.16 13.43 22.19
N TRP A 55 15.62 12.76 23.26
CA TRP A 55 15.65 11.29 23.23
C TRP A 55 14.27 10.62 23.08
N VAL A 56 13.20 11.20 23.64
CA VAL A 56 11.86 10.60 23.48
C VAL A 56 11.37 10.83 22.04
N GLU A 57 11.69 12.01 21.49
CA GLU A 57 11.36 12.32 20.09
C GLU A 57 12.08 11.39 19.17
N TRP A 58 13.32 11.01 19.52
CA TRP A 58 14.06 10.08 18.71
C TRP A 58 13.48 8.64 18.79
N LEU A 59 12.90 8.26 19.95
CA LEU A 59 12.21 6.98 20.08
C LEU A 59 10.98 7.00 19.17
N GLN A 60 10.29 8.17 19.08
CA GLN A 60 9.10 8.33 18.25
C GLN A 60 9.46 8.21 16.78
N TYR A 61 10.67 8.66 16.40
CA TYR A 61 11.09 8.56 15.02
C TYR A 61 11.48 7.13 14.68
N SER A 62 12.35 6.53 15.50
CA SER A 62 12.92 5.25 15.18
C SER A 62 12.06 4.05 15.55
N PHE A 63 11.31 4.16 16.64
CA PHE A 63 10.48 3.08 17.14
C PHE A 63 9.09 3.65 17.38
N PRO A 64 8.36 4.07 16.31
CA PRO A 64 7.00 4.64 16.53
C PRO A 64 6.10 3.63 17.28
N LEU A 65 5.31 4.12 18.23
CA LEU A 65 4.45 3.29 19.07
C LEU A 65 3.49 2.38 18.32
N GLN A 66 3.43 1.12 18.71
CA GLN A 66 2.51 0.17 18.07
C GLN A 66 1.34 -0.02 19.06
N LEU A 67 0.31 0.79 18.87
CA LEU A 67 -0.84 0.78 19.76
C LEU A 67 -2.04 0.00 19.17
N GLU A 68 -2.90 -0.51 20.06
CA GLU A 68 -4.13 -1.20 19.68
C GLU A 68 -5.07 -0.21 18.95
N PRO A 69 -5.70 -0.60 17.82
CA PRO A 69 -6.66 0.32 17.12
C PRO A 69 -7.69 0.98 18.03
N SER A 70 -8.16 0.28 19.07
CA SER A 70 -9.12 0.80 20.06
C SER A 70 -8.56 1.96 20.91
N ALA A 71 -7.22 1.98 21.14
CA ALA A 71 -6.52 3.02 21.90
C ALA A 71 -6.34 4.32 21.09
N ARG A 72 -6.24 4.20 19.75
CA ARG A 72 -6.02 5.28 18.77
C ARG A 72 -7.07 6.40 18.81
N GLY A 73 -6.65 7.60 18.39
CA GLY A 73 -7.48 8.79 18.35
C GLY A 73 -7.64 9.46 19.70
N ASN A 83 -8.15 -3.64 36.59
CA ASN A 83 -9.03 -4.31 35.64
C ASN A 83 -8.67 -5.80 35.52
N ARG A 84 -7.43 -6.11 35.04
CA ARG A 84 -6.94 -7.49 34.87
C ARG A 84 -5.48 -7.63 35.32
N ALA A 85 -5.15 -8.77 35.98
CA ALA A 85 -3.82 -9.11 36.50
C ALA A 85 -2.88 -9.55 35.36
N LEU A 86 -1.62 -9.09 35.41
CA LEU A 86 -0.61 -9.39 34.40
C LEU A 86 0.79 -9.49 35.02
N LEU A 87 1.51 -10.57 34.66
CA LEU A 87 2.89 -10.78 35.07
C LEU A 87 3.83 -10.26 34.00
N VAL A 88 4.88 -9.52 34.41
CA VAL A 88 5.86 -8.93 33.49
C VAL A 88 7.28 -9.27 33.94
N ASN A 89 8.13 -9.64 32.98
CA ASN A 89 9.55 -9.89 33.22
C ASN A 89 10.29 -8.66 32.72
N VAL A 90 11.08 -8.04 33.59
CA VAL A 90 11.84 -6.82 33.31
C VAL A 90 13.30 -7.00 33.69
N LYS A 91 14.19 -6.75 32.74
CA LYS A 91 15.63 -6.76 33.01
C LYS A 91 16.18 -5.38 32.70
N PHE A 92 17.41 -5.12 33.10
CA PHE A 92 18.10 -3.87 32.78
C PHE A 92 19.06 -4.18 31.65
N GLU A 93 19.39 -3.17 30.83
CA GLU A 93 20.29 -3.33 29.68
C GLU A 93 21.68 -3.77 30.11
N GLY A 94 22.18 -4.85 29.49
CA GLY A 94 23.49 -5.40 29.79
C GLY A 94 23.53 -6.15 31.12
N SER A 95 22.46 -6.88 31.42
CA SER A 95 22.30 -7.68 32.64
C SER A 95 21.48 -8.91 32.32
N GLU A 96 22.01 -10.09 32.70
CA GLU A 96 21.35 -11.38 32.49
C GLU A 96 20.18 -11.51 33.49
N GLU A 97 20.35 -10.92 34.70
CA GLU A 97 19.38 -10.86 35.80
C GLU A 97 18.07 -10.19 35.38
N SER A 98 16.93 -10.76 35.80
CA SER A 98 15.60 -10.24 35.51
C SER A 98 14.69 -10.27 36.75
N PHE A 99 13.59 -9.51 36.69
CA PHE A 99 12.60 -9.41 37.76
C PHE A 99 11.22 -9.70 37.19
N THR A 100 10.48 -10.63 37.82
CA THR A 100 9.12 -10.95 37.39
C THR A 100 8.15 -10.37 38.40
N PHE A 101 7.26 -9.49 37.95
CA PHE A 101 6.31 -8.87 38.87
C PHE A 101 4.93 -8.73 38.30
N GLN A 102 3.98 -8.62 39.22
CA GLN A 102 2.57 -8.51 38.93
C GLN A 102 2.15 -7.06 38.87
N VAL A 103 1.65 -6.66 37.71
CA VAL A 103 1.09 -5.34 37.46
C VAL A 103 -0.35 -5.53 36.96
N SER A 104 -1.03 -4.42 36.72
CA SER A 104 -2.37 -4.47 36.16
C SER A 104 -2.28 -4.05 34.67
N THR A 105 -3.27 -4.48 33.88
CA THR A 105 -3.41 -4.12 32.46
C THR A 105 -3.67 -2.60 32.34
N LYS A 106 -4.24 -1.99 33.40
CA LYS A 106 -4.56 -0.57 33.51
C LYS A 106 -3.37 0.30 33.95
N ASP A 107 -2.25 -0.34 34.34
CA ASP A 107 -1.05 0.41 34.78
C ASP A 107 -0.32 1.00 33.59
N MET A 108 0.37 2.13 33.81
CA MET A 108 1.15 2.77 32.77
C MET A 108 2.63 2.35 32.81
N PRO A 109 3.39 2.46 31.68
CA PRO A 109 4.81 2.06 31.69
C PRO A 109 5.62 2.66 32.84
N LEU A 110 5.31 3.92 33.25
CA LEU A 110 6.01 4.61 34.34
C LEU A 110 5.95 3.88 35.69
N ALA A 111 4.76 3.30 36.03
CA ALA A 111 4.56 2.55 37.28
C ALA A 111 5.41 1.29 37.26
N LEU A 112 5.47 0.63 36.10
CA LEU A 112 6.24 -0.58 35.86
C LEU A 112 7.74 -0.26 35.97
N MET A 113 8.17 0.88 35.40
CA MET A 113 9.55 1.32 35.47
C MET A 113 9.98 1.69 36.89
N ALA A 114 9.08 2.40 37.64
CA ALA A 114 9.33 2.76 39.04
C ALA A 114 9.48 1.48 39.89
N CYS A 115 8.66 0.47 39.60
CA CYS A 115 8.65 -0.85 40.23
C CYS A 115 9.97 -1.61 40.01
N ALA A 116 10.53 -1.55 38.78
CA ALA A 116 11.81 -2.20 38.43
C ALA A 116 12.99 -1.49 39.08
N LEU A 117 12.92 -0.16 39.18
CA LEU A 117 13.98 0.65 39.76
C LEU A 117 14.07 0.44 41.26
N ARG A 118 12.91 0.26 41.93
CA ARG A 118 12.85 -0.01 43.38
C ARG A 118 13.50 -1.36 43.64
N LYS A 119 13.22 -2.36 42.79
CA LYS A 119 13.80 -3.70 42.87
C LYS A 119 15.31 -3.64 42.62
N LYS A 120 15.76 -2.84 41.61
CA LYS A 120 17.17 -2.65 41.28
C LYS A 120 17.89 -2.08 42.48
N ALA A 121 17.31 -1.05 43.12
CA ALA A 121 17.84 -0.38 44.29
C ALA A 121 17.98 -1.35 45.48
N THR A 122 16.99 -2.24 45.71
CA THR A 122 17.06 -3.17 46.85
C THR A 122 18.14 -4.23 46.60
N VAL A 123 18.08 -4.93 45.44
CA VAL A 123 19.08 -5.94 45.04
C VAL A 123 20.51 -5.36 45.06
N PHE A 124 20.72 -4.16 44.47
CA PHE A 124 22.04 -3.51 44.44
C PHE A 124 22.37 -2.71 45.71
N ARG A 125 21.48 -2.74 46.74
CA ARG A 125 21.63 -2.15 48.07
C ARG A 125 21.92 -0.63 48.10
N GLN A 126 21.60 0.08 47.02
CA GLN A 126 21.87 1.52 46.93
C GLN A 126 20.60 2.37 46.90
N PRO A 127 20.59 3.56 47.55
CA PRO A 127 19.41 4.45 47.39
C PRO A 127 19.61 5.18 46.05
N LEU A 128 19.07 4.61 44.95
CA LEU A 128 19.26 5.11 43.58
C LEU A 128 18.77 6.54 43.31
N VAL A 129 19.52 7.24 42.44
CA VAL A 129 19.28 8.61 41.95
C VAL A 129 18.22 8.49 40.83
N GLU A 130 18.27 7.34 40.13
CA GLU A 130 17.46 6.92 38.99
C GLU A 130 15.94 7.16 39.12
N GLN A 131 15.40 8.02 38.23
CA GLN A 131 13.98 8.37 38.15
C GLN A 131 13.38 7.60 36.97
N PRO A 132 12.11 7.13 37.06
CA PRO A 132 11.54 6.34 35.93
C PRO A 132 11.41 7.11 34.61
N GLU A 133 11.43 8.45 34.68
CA GLU A 133 11.35 9.38 33.56
C GLU A 133 12.55 9.32 32.61
N GLU A 134 13.68 8.74 33.06
CA GLU A 134 14.92 8.60 32.28
C GLU A 134 14.99 7.28 31.49
N TYR A 135 13.91 6.48 31.48
CA TYR A 135 13.91 5.20 30.80
C TYR A 135 12.77 4.95 29.85
N ALA A 136 12.99 4.02 28.94
CA ALA A 136 11.96 3.46 28.08
C ALA A 136 12.10 1.94 28.19
N LEU A 137 11.03 1.22 27.88
CA LEU A 137 11.01 -0.22 27.91
C LEU A 137 11.11 -0.79 26.51
N GLN A 138 12.19 -1.50 26.21
CA GLN A 138 12.31 -2.18 24.91
C GLN A 138 11.65 -3.55 24.99
N VAL A 139 10.96 -4.00 23.91
CA VAL A 139 10.41 -5.35 23.84
C VAL A 139 11.67 -6.20 23.54
N ASN A 140 12.02 -7.21 24.39
CA ASN A 140 13.27 -8.02 24.23
C ASN A 140 13.48 -8.56 22.81
N GLY A 141 14.67 -8.29 22.28
CA GLY A 141 15.05 -8.69 20.92
C GLY A 141 14.15 -8.22 19.79
N ARG A 142 13.56 -7.00 19.95
CA ARG A 142 12.72 -6.39 18.92
C ARG A 142 13.07 -4.91 18.88
N HIS A 143 12.93 -4.23 17.72
CA HIS A 143 13.11 -2.78 17.65
C HIS A 143 11.71 -2.19 17.89
N GLU A 144 11.24 -2.37 19.11
CA GLU A 144 9.91 -1.99 19.58
C GLU A 144 10.07 -1.51 21.03
N TYR A 145 9.41 -0.40 21.37
CA TYR A 145 9.51 0.20 22.68
C TYR A 145 8.16 0.53 23.24
N LEU A 146 8.06 0.51 24.57
CA LEU A 146 6.85 0.87 25.30
C LEU A 146 7.21 2.12 26.06
N TYR A 147 6.49 3.20 25.78
CA TYR A 147 6.71 4.53 26.38
C TYR A 147 5.41 5.34 26.23
N GLY A 148 5.31 6.45 26.95
CA GLY A 148 4.14 7.32 26.91
C GLY A 148 3.09 6.98 27.95
N ASN A 149 2.11 7.86 28.09
CA ASN A 149 1.01 7.73 29.06
C ASN A 149 -0.15 6.93 28.46
N TYR A 150 0.05 5.62 28.36
CA TYR A 150 -0.94 4.68 27.87
C TYR A 150 -0.96 3.48 28.81
N PRO A 151 -2.15 2.99 29.23
CA PRO A 151 -2.18 1.75 30.01
C PRO A 151 -1.54 0.65 29.19
N LEU A 152 -0.87 -0.29 29.86
CA LEU A 152 -0.15 -1.38 29.21
C LEU A 152 -0.97 -2.13 28.16
N CYS A 153 -2.29 -2.32 28.39
CA CYS A 153 -3.17 -3.03 27.46
C CYS A 153 -3.34 -2.29 26.11
N HIS A 154 -3.14 -0.94 26.10
CA HIS A 154 -3.19 -0.13 24.87
C HIS A 154 -2.03 -0.45 23.88
N PHE A 155 -0.93 -1.08 24.37
CA PHE A 155 0.23 -1.46 23.57
C PHE A 155 -0.03 -2.80 22.93
N GLN A 156 0.12 -2.87 21.59
CA GLN A 156 -0.08 -4.10 20.81
C GLN A 156 0.66 -5.31 21.37
N TYR A 157 1.91 -5.11 21.85
CA TYR A 157 2.74 -6.17 22.41
C TYR A 157 2.11 -6.79 23.69
N ILE A 158 1.64 -5.94 24.61
CA ILE A 158 1.03 -6.39 25.85
C ILE A 158 -0.31 -7.08 25.59
N CYS A 159 -1.19 -6.46 24.75
N CYS A 159 -1.20 -6.46 24.78
CA CYS A 159 -2.51 -6.99 24.35
CA CYS A 159 -2.51 -7.03 24.44
C CYS A 159 -2.36 -8.39 23.76
C CYS A 159 -2.39 -8.39 23.74
N SER A 160 -1.38 -8.55 22.87
CA SER A 160 -1.05 -9.79 22.17
C SER A 160 -0.64 -10.88 23.16
N CYS A 161 0.17 -10.49 24.18
CA CYS A 161 0.68 -11.40 25.21
C CYS A 161 -0.48 -11.92 26.07
N LEU A 162 -1.42 -11.02 26.43
CA LEU A 162 -2.62 -11.33 27.21
C LEU A 162 -3.49 -12.42 26.57
N HIS A 163 -3.76 -12.28 25.25
CA HIS A 163 -4.57 -13.24 24.50
C HIS A 163 -3.82 -14.54 24.21
N SER A 164 -2.50 -14.48 24.09
CA SER A 164 -1.71 -15.69 23.86
C SER A 164 -1.33 -16.40 25.19
N GLY A 165 -1.56 -15.73 26.32
CA GLY A 165 -1.22 -16.23 27.65
C GLY A 165 0.26 -16.11 27.98
N LEU A 166 1.08 -15.61 27.03
CA LEU A 166 2.53 -15.42 27.18
C LEU A 166 2.85 -14.26 28.11
N THR A 167 4.03 -14.33 28.77
CA THR A 167 4.51 -13.29 29.71
C THR A 167 5.38 -12.25 28.96
N PRO A 168 5.01 -10.94 29.01
CA PRO A 168 5.85 -9.92 28.38
C PRO A 168 7.27 -9.83 28.97
N HIS A 169 8.27 -9.78 28.10
CA HIS A 169 9.67 -9.66 28.46
C HIS A 169 10.15 -8.28 27.98
N LEU A 170 10.50 -7.40 28.95
CA LEU A 170 10.88 -6.00 28.68
C LEU A 170 12.24 -5.64 29.24
N THR A 171 12.97 -4.74 28.55
CA THR A 171 14.28 -4.27 29.02
C THR A 171 14.21 -2.78 29.30
N MET A 172 14.70 -2.37 30.47
CA MET A 172 14.80 -1.00 30.93
C MET A 172 16.00 -0.40 30.21
N VAL A 173 15.76 0.54 29.28
CA VAL A 173 16.83 1.21 28.51
C VAL A 173 16.89 2.69 28.95
N HIS A 174 18.07 3.18 29.34
CA HIS A 174 18.28 4.56 29.82
C HIS A 174 18.40 5.56 28.66
N SER A 175 18.00 6.81 28.91
CA SER A 175 18.07 7.92 27.96
C SER A 175 19.44 8.06 27.29
N SER A 176 20.54 7.85 28.04
CA SER A 176 21.93 7.94 27.55
C SER A 176 22.21 6.87 26.48
N SER A 177 21.62 5.67 26.64
CA SER A 177 21.71 4.59 25.67
C SER A 177 20.92 4.93 24.39
N ILE A 178 19.72 5.52 24.52
CA ILE A 178 18.91 5.96 23.37
C ILE A 178 19.65 7.10 22.61
N LEU A 179 20.22 8.05 23.35
CA LEU A 179 20.98 9.17 22.77
C LEU A 179 22.23 8.71 22.01
N ALA A 180 22.89 7.64 22.51
CA ALA A 180 24.05 7.06 21.85
C ALA A 180 23.58 6.46 20.52
N MET A 181 22.34 5.90 20.46
CA MET A 181 21.77 5.33 19.24
C MET A 181 21.54 6.44 18.21
N ARG A 182 20.99 7.59 18.65
CA ARG A 182 20.76 8.77 17.81
C ARG A 182 22.07 9.23 17.16
N ASP A 183 23.11 9.41 18.00
CA ASP A 183 24.43 9.87 17.59
C ASP A 183 25.16 8.90 16.68
N GLU A 184 25.11 7.59 16.97
CA GLU A 184 25.73 6.52 16.17
C GLU A 184 25.18 6.52 14.74
N GLN A 185 23.93 6.95 14.58
CA GLN A 185 23.17 6.91 13.33
C GLN A 185 23.11 8.22 12.54
N SER A 186 24.04 9.16 12.81
CA SER A 186 24.05 10.46 12.11
C SER A 186 24.55 10.38 10.68
N ASN A 187 24.08 11.32 9.82
CA ASN A 187 24.57 11.48 8.45
C ASN A 187 26.02 11.98 8.64
N PRO A 188 27.04 11.42 7.94
CA PRO A 188 28.43 11.90 8.17
C PRO A 188 28.63 13.38 7.82
N ALA A 189 29.55 14.05 8.55
CA ALA A 189 29.89 15.46 8.37
C ALA A 189 30.58 15.73 7.04
N SER A 211 0.63 36.68 -22.87
CA SER A 211 -0.39 36.04 -22.07
C SER A 211 -1.11 34.94 -22.86
N LEU A 212 -1.29 33.77 -22.22
CA LEU A 212 -1.96 32.60 -22.79
C LEU A 212 -3.43 32.87 -23.09
N TRP A 213 -4.15 33.58 -22.19
CA TRP A 213 -5.57 33.89 -22.32
C TRP A 213 -5.92 34.77 -23.53
N SER A 214 -4.89 35.36 -24.19
CA SER A 214 -5.02 36.19 -25.38
C SER A 214 -5.02 35.34 -26.65
N LEU A 215 -4.35 34.16 -26.59
CA LEU A 215 -4.17 33.26 -27.72
C LEU A 215 -5.45 32.47 -28.06
N GLU A 216 -6.36 33.13 -28.81
CA GLU A 216 -7.68 32.60 -29.22
C GLU A 216 -7.66 31.55 -30.35
N GLN A 217 -6.55 31.44 -31.11
CA GLN A 217 -6.44 30.47 -32.20
C GLN A 217 -6.64 29.00 -31.75
N PRO A 218 -7.16 28.10 -32.63
CA PRO A 218 -7.35 26.70 -32.21
C PRO A 218 -6.02 25.99 -31.99
N PHE A 219 -5.97 25.08 -30.99
CA PHE A 219 -4.75 24.31 -30.76
C PHE A 219 -4.59 23.34 -31.92
N SER A 220 -3.37 23.22 -32.42
CA SER A 220 -3.00 22.39 -33.56
C SER A 220 -1.56 21.92 -33.40
N ILE A 221 -1.21 20.82 -34.08
CA ILE A 221 0.15 20.26 -34.10
C ILE A 221 0.46 19.81 -35.52
N GLU A 222 1.75 19.64 -35.83
CA GLU A 222 2.20 19.05 -37.08
C GLU A 222 2.68 17.63 -36.74
N LEU A 223 2.06 16.62 -37.35
CA LEU A 223 2.48 15.23 -37.21
C LEU A 223 3.44 15.04 -38.39
N ILE A 224 4.74 14.87 -38.08
CA ILE A 224 5.79 14.79 -39.11
C ILE A 224 6.01 13.36 -39.61
N GLU A 225 6.60 12.50 -38.77
CA GLU A 225 6.97 11.14 -39.17
C GLU A 225 6.99 10.14 -38.02
N GLY A 226 7.11 8.87 -38.39
CA GLY A 226 7.25 7.73 -37.50
C GLY A 226 8.57 7.04 -37.80
N ARG A 227 9.15 6.37 -36.81
CA ARG A 227 10.40 5.63 -36.96
C ARG A 227 10.25 4.31 -36.25
N LYS A 228 10.87 3.25 -36.78
CA LYS A 228 10.88 1.89 -36.20
C LYS A 228 9.46 1.30 -36.00
N VAL A 229 8.58 1.49 -37.00
CA VAL A 229 7.19 0.98 -36.99
C VAL A 229 7.15 -0.45 -37.59
N ASN A 230 6.50 -1.40 -36.87
CA ASN A 230 6.35 -2.80 -37.31
C ASN A 230 4.86 -3.15 -37.40
N ALA A 231 4.39 -3.46 -38.62
CA ALA A 231 3.00 -3.84 -38.89
C ALA A 231 2.90 -4.54 -40.25
N ASP A 232 1.78 -5.23 -40.48
CA ASP A 232 1.45 -5.94 -41.73
C ASP A 232 1.46 -4.93 -42.88
N GLU A 233 2.30 -5.22 -43.90
CA GLU A 233 2.52 -4.40 -45.10
C GLU A 233 1.26 -4.18 -45.97
N ARG A 234 0.25 -5.04 -45.78
CA ARG A 234 -1.04 -4.96 -46.50
C ARG A 234 -1.95 -3.88 -45.89
N MET A 235 -1.72 -3.56 -44.60
CA MET A 235 -2.50 -2.57 -43.83
C MET A 235 -2.03 -1.13 -44.03
N LYS A 236 -2.65 -0.19 -43.29
CA LYS A 236 -2.31 1.24 -43.36
C LYS A 236 -2.09 1.81 -41.98
N LEU A 237 -1.28 2.86 -41.87
CA LEU A 237 -1.01 3.51 -40.58
C LEU A 237 -1.83 4.78 -40.37
N VAL A 238 -2.38 4.92 -39.17
CA VAL A 238 -3.18 6.06 -38.70
C VAL A 238 -2.75 6.39 -37.29
N VAL A 239 -2.64 7.71 -37.00
CA VAL A 239 -2.32 8.23 -35.67
C VAL A 239 -3.61 8.92 -35.16
N GLN A 240 -4.15 8.41 -34.05
CA GLN A 240 -5.30 9.00 -33.37
C GLN A 240 -4.73 9.88 -32.27
N ALA A 241 -5.25 11.11 -32.12
CA ALA A 241 -4.75 12.04 -31.12
C ALA A 241 -5.91 12.70 -30.41
N GLY A 242 -5.79 12.79 -29.09
CA GLY A 242 -6.81 13.40 -28.26
C GLY A 242 -6.23 14.28 -27.18
N LEU A 243 -6.96 15.32 -26.80
CA LEU A 243 -6.57 16.22 -25.71
C LEU A 243 -7.36 15.85 -24.49
N PHE A 244 -6.66 15.65 -23.38
CA PHE A 244 -7.26 15.15 -22.15
C PHE A 244 -6.92 15.96 -20.92
N HIS A 245 -7.84 15.98 -19.97
CA HIS A 245 -7.66 16.53 -18.65
C HIS A 245 -8.09 15.39 -17.73
N GLY A 246 -7.12 14.57 -17.32
CA GLY A 246 -7.38 13.36 -16.55
C GLY A 246 -8.00 12.33 -17.47
N ASN A 247 -9.24 11.90 -17.16
CA ASN A 247 -9.96 10.95 -18.03
C ASN A 247 -10.81 11.63 -19.10
N GLU A 248 -11.25 12.87 -18.84
CA GLU A 248 -12.13 13.62 -19.72
C GLU A 248 -11.43 14.24 -20.91
N MET A 249 -12.08 14.11 -22.09
CA MET A 249 -11.62 14.72 -23.32
C MET A 249 -11.86 16.22 -23.21
N LEU A 250 -10.96 17.03 -23.81
CA LEU A 250 -11.08 18.49 -23.80
C LEU A 250 -11.81 18.94 -25.04
N CYS A 251 -11.79 18.08 -26.06
CA CYS A 251 -12.43 18.21 -27.37
C CYS A 251 -12.48 16.81 -28.02
N LYS A 252 -13.15 16.71 -29.19
CA LYS A 252 -13.21 15.45 -29.92
C LYS A 252 -11.80 15.06 -30.37
N THR A 253 -11.53 13.75 -30.46
CA THR A 253 -10.23 13.24 -30.93
C THR A 253 -10.11 13.53 -32.42
N VAL A 254 -8.88 13.73 -32.91
CA VAL A 254 -8.62 13.96 -34.32
C VAL A 254 -7.71 12.84 -34.84
N SER A 255 -8.03 12.29 -36.00
CA SER A 255 -7.23 11.22 -36.61
C SER A 255 -6.48 11.72 -37.81
N SER A 256 -5.33 11.10 -38.06
CA SER A 256 -4.49 11.42 -39.21
C SER A 256 -5.06 10.72 -40.46
N SER A 257 -4.45 11.00 -41.61
CA SER A 257 -4.78 10.35 -42.88
C SER A 257 -4.14 8.95 -42.89
N GLU A 258 -4.80 7.98 -43.54
CA GLU A 258 -4.30 6.61 -43.68
C GLU A 258 -3.09 6.65 -44.63
N VAL A 259 -1.91 6.25 -44.12
CA VAL A 259 -0.65 6.23 -44.90
C VAL A 259 -0.06 4.82 -44.84
N ASN A 260 0.26 4.23 -46.02
CA ASN A 260 0.83 2.89 -46.23
C ASN A 260 1.86 2.47 -45.18
N VAL A 261 1.74 1.22 -44.70
CA VAL A 261 2.65 0.61 -43.72
C VAL A 261 4.09 0.57 -44.25
N CYS A 262 5.02 1.03 -43.40
CA CYS A 262 6.48 1.04 -43.57
C CYS A 262 7.12 1.44 -42.24
N SER A 263 8.41 1.07 -42.03
CA SER A 263 9.13 1.35 -40.78
C SER A 263 9.37 2.85 -40.53
N GLU A 264 9.36 3.68 -41.60
CA GLU A 264 9.51 5.13 -41.48
C GLU A 264 8.33 5.90 -42.14
N PRO A 265 7.10 5.89 -41.55
CA PRO A 265 5.97 6.61 -42.19
C PRO A 265 6.08 8.12 -42.13
N VAL A 266 5.67 8.80 -43.20
CA VAL A 266 5.75 10.27 -43.33
C VAL A 266 4.37 10.90 -43.53
N TRP A 267 3.93 11.69 -42.54
CA TRP A 267 2.65 12.38 -42.63
C TRP A 267 2.82 13.84 -43.03
N LYS A 268 3.68 14.59 -42.28
CA LYS A 268 3.94 16.03 -42.46
C LYS A 268 2.62 16.81 -42.55
N GLN A 269 1.61 16.42 -41.73
CA GLN A 269 0.29 17.05 -41.77
C GLN A 269 -0.12 17.72 -40.46
N ARG A 270 -0.94 18.77 -40.58
CA ARG A 270 -1.48 19.55 -39.47
C ARG A 270 -2.74 18.88 -38.94
N LEU A 271 -2.80 18.65 -37.63
CA LEU A 271 -3.96 18.10 -36.92
C LEU A 271 -4.47 19.23 -36.03
N GLU A 272 -5.69 19.72 -36.31
CA GLU A 272 -6.29 20.83 -35.57
C GLU A 272 -7.42 20.36 -34.68
N PHE A 273 -7.33 20.72 -33.39
CA PHE A 273 -8.29 20.37 -32.35
C PHE A 273 -9.29 21.49 -32.16
N ASP A 274 -10.50 21.15 -31.68
CA ASP A 274 -11.57 22.10 -31.46
C ASP A 274 -11.52 22.66 -30.02
N ILE A 275 -10.43 23.41 -29.73
CA ILE A 275 -10.16 24.08 -28.45
C ILE A 275 -9.14 25.20 -28.68
N SER A 276 -9.45 26.40 -28.18
CA SER A 276 -8.57 27.56 -28.31
C SER A 276 -7.36 27.38 -27.40
N VAL A 277 -6.19 27.90 -27.80
CA VAL A 277 -4.94 27.81 -27.03
C VAL A 277 -5.14 28.41 -25.62
N CYS A 278 -5.88 29.54 -25.52
CA CYS A 278 -6.19 30.22 -24.26
C CYS A 278 -6.90 29.33 -23.25
N ASP A 279 -7.65 28.32 -23.75
CA ASP A 279 -8.49 27.39 -22.99
C ASP A 279 -7.86 26.09 -22.56
N LEU A 280 -6.57 25.90 -22.88
CA LEU A 280 -5.90 24.67 -22.48
C LEU A 280 -5.70 24.73 -20.98
N PRO A 281 -6.21 23.75 -20.21
CA PRO A 281 -5.97 23.79 -18.76
C PRO A 281 -4.49 23.44 -18.48
N ARG A 282 -3.97 23.88 -17.33
CA ARG A 282 -2.59 23.65 -16.88
C ARG A 282 -2.13 22.16 -17.01
N MET A 283 -3.01 21.23 -16.68
CA MET A 283 -2.70 19.80 -16.71
C MET A 283 -3.19 19.11 -17.98
N ALA A 284 -3.27 19.85 -19.09
CA ALA A 284 -3.69 19.28 -20.37
C ALA A 284 -2.64 18.31 -20.89
N ARG A 285 -3.08 17.10 -21.26
CA ARG A 285 -2.15 16.13 -21.82
C ARG A 285 -2.57 15.75 -23.23
N LEU A 286 -1.59 15.75 -24.14
CA LEU A 286 -1.77 15.39 -25.53
C LEU A 286 -1.36 13.93 -25.62
N CYS A 287 -2.33 13.07 -26.03
CA CYS A 287 -2.22 11.61 -26.11
C CYS A 287 -2.32 11.10 -27.51
N PHE A 288 -1.40 10.20 -27.88
CA PHE A 288 -1.30 9.62 -29.21
C PHE A 288 -1.42 8.10 -29.19
N ALA A 289 -2.01 7.52 -30.23
CA ALA A 289 -2.08 6.08 -30.40
C ALA A 289 -1.87 5.76 -31.88
N LEU A 290 -0.79 5.01 -32.16
CA LEU A 290 -0.42 4.60 -33.53
C LEU A 290 -1.01 3.22 -33.73
N TYR A 291 -1.68 3.00 -34.85
CA TYR A 291 -2.30 1.71 -35.13
C TYR A 291 -2.40 1.42 -36.62
N ALA A 292 -2.71 0.16 -36.96
CA ALA A 292 -2.84 -0.32 -38.33
C ALA A 292 -4.29 -0.70 -38.63
N VAL A 293 -4.76 -0.35 -39.82
CA VAL A 293 -6.13 -0.64 -40.26
C VAL A 293 -6.17 -1.33 -41.63
N VAL A 294 -7.19 -2.16 -41.87
CA VAL A 294 -7.44 -2.86 -43.13
C VAL A 294 -8.11 -1.88 -44.10
N ASP A 311 -8.89 -3.87 -36.24
CA ASP A 311 -7.91 -2.83 -35.91
C ASP A 311 -6.74 -3.40 -35.13
N CYS A 312 -5.51 -3.13 -35.62
CA CYS A 312 -4.25 -3.59 -35.04
C CYS A 312 -3.56 -2.48 -34.21
N PRO A 313 -3.68 -2.46 -32.86
CA PRO A 313 -2.97 -1.42 -32.07
C PRO A 313 -1.47 -1.66 -32.03
N ILE A 314 -0.67 -0.62 -32.34
CA ILE A 314 0.79 -0.73 -32.35
C ILE A 314 1.41 -0.14 -31.08
N ALA A 315 1.21 1.18 -30.86
CA ALA A 315 1.81 1.85 -29.70
C ALA A 315 1.02 3.10 -29.29
N TRP A 316 1.42 3.70 -28.16
CA TRP A 316 0.83 4.91 -27.62
C TRP A 316 1.93 5.80 -27.02
N ALA A 317 1.67 7.13 -26.90
CA ALA A 317 2.59 8.10 -26.30
C ALA A 317 1.83 9.33 -25.81
N ASN A 318 2.12 9.81 -24.59
CA ASN A 318 1.47 11.01 -24.05
C ASN A 318 2.51 12.04 -23.65
N LEU A 319 2.10 13.30 -23.61
CA LEU A 319 2.94 14.39 -23.16
C LEU A 319 2.12 15.51 -22.56
N MET A 320 2.69 16.25 -21.59
CA MET A 320 2.05 17.43 -21.04
C MET A 320 2.33 18.54 -22.04
N LEU A 321 1.37 19.48 -22.23
CA LEU A 321 1.50 20.63 -23.15
C LEU A 321 2.28 21.78 -22.52
N PHE A 322 2.30 21.82 -21.18
CA PHE A 322 3.09 22.77 -20.39
C PHE A 322 4.19 21.96 -19.71
N ASP A 323 5.40 22.53 -19.59
CA ASP A 323 6.46 21.79 -18.93
C ASP A 323 6.38 21.99 -17.42
N TYR A 324 7.40 21.53 -16.68
CA TYR A 324 7.42 21.60 -15.22
C TYR A 324 7.58 23.04 -14.70
N LYS A 325 7.98 23.96 -15.58
CA LYS A 325 8.17 25.38 -15.23
C LYS A 325 6.98 26.23 -15.72
N ASP A 326 5.86 25.55 -16.11
CA ASP A 326 4.59 26.13 -16.59
C ASP A 326 4.69 26.74 -17.99
N GLN A 327 5.74 26.40 -18.74
CA GLN A 327 5.89 26.96 -20.10
C GLN A 327 5.15 26.10 -21.11
N LEU A 328 4.34 26.75 -21.97
CA LEU A 328 3.65 26.06 -23.06
C LEU A 328 4.74 25.58 -24.00
N LYS A 329 4.75 24.30 -24.31
CA LYS A 329 5.80 23.72 -25.14
C LYS A 329 5.67 24.14 -26.60
N THR A 330 6.82 24.35 -27.26
CA THR A 330 6.94 24.70 -28.67
C THR A 330 8.12 23.89 -29.27
N GLY A 331 8.16 23.82 -30.60
CA GLY A 331 9.19 23.10 -31.33
C GLY A 331 8.91 21.63 -31.53
N GLU A 332 9.92 20.91 -32.04
CA GLU A 332 9.90 19.47 -32.34
C GLU A 332 9.96 18.60 -31.09
N ARG A 333 9.29 17.44 -31.15
CA ARG A 333 9.30 16.44 -30.08
C ARG A 333 9.42 15.06 -30.67
N CYS A 334 10.44 14.32 -30.23
CA CYS A 334 10.53 12.94 -30.64
C CYS A 334 9.92 12.16 -29.50
N LEU A 335 8.86 11.41 -29.80
CA LEU A 335 8.14 10.67 -28.78
C LEU A 335 8.37 9.18 -28.92
N TYR A 336 9.15 8.60 -27.97
CA TYR A 336 9.44 7.16 -27.92
C TYR A 336 8.23 6.46 -27.35
N MET A 337 7.52 5.74 -28.22
CA MET A 337 6.24 5.13 -27.93
C MET A 337 6.33 3.88 -27.10
N TRP A 338 5.25 3.60 -26.36
CA TRP A 338 5.11 2.42 -25.53
C TRP A 338 4.27 1.43 -26.32
N PRO A 339 4.56 0.11 -26.27
CA PRO A 339 3.74 -0.87 -27.01
C PRO A 339 2.34 -1.01 -26.43
N SER A 340 1.32 -1.17 -27.30
CA SER A 340 -0.07 -1.31 -26.89
C SER A 340 -0.46 -2.76 -26.64
N VAL A 341 -1.04 -3.03 -25.44
CA VAL A 341 -1.47 -4.36 -24.99
C VAL A 341 -2.98 -4.39 -24.78
N LEU A 348 -8.44 3.15 -27.93
CA LEU A 348 -7.03 2.88 -28.18
C LEU A 348 -6.11 3.91 -27.51
N LEU A 349 -6.64 5.14 -27.24
CA LEU A 349 -5.88 6.19 -26.55
C LEU A 349 -5.73 5.85 -25.08
N ASN A 350 -4.56 6.18 -24.50
CA ASN A 350 -4.31 5.83 -23.10
C ASN A 350 -4.04 7.08 -22.20
N PRO A 351 -5.06 7.92 -21.86
CA PRO A 351 -4.81 9.13 -21.05
C PRO A 351 -4.08 8.92 -19.74
N ALA A 352 -4.38 7.83 -18.99
CA ALA A 352 -3.74 7.53 -17.69
C ALA A 352 -2.27 7.12 -17.79
N GLY A 353 -1.82 6.73 -18.97
CA GLY A 353 -0.44 6.32 -19.22
C GLY A 353 0.58 7.42 -18.92
N THR A 354 1.82 7.02 -18.58
CA THR A 354 2.89 7.96 -18.25
C THR A 354 3.10 9.04 -19.35
N VAL A 355 3.51 10.24 -18.95
CA VAL A 355 3.77 11.34 -19.90
C VAL A 355 5.27 11.45 -20.25
N ARG A 356 6.05 10.40 -19.90
CA ARG A 356 7.48 10.33 -20.21
C ARG A 356 7.68 9.24 -21.23
N GLY A 357 8.60 9.48 -22.16
CA GLY A 357 8.93 8.59 -23.27
C GLY A 357 9.54 7.29 -22.83
N ASN A 358 9.41 6.28 -23.70
CA ASN A 358 9.95 4.94 -23.52
C ASN A 358 11.50 5.04 -23.46
N PRO A 359 12.17 4.52 -22.38
CA PRO A 359 13.64 4.62 -22.33
C PRO A 359 14.36 3.71 -23.33
N ASN A 360 13.68 2.65 -23.82
CA ASN A 360 14.21 1.76 -24.82
C ASN A 360 14.16 2.45 -26.21
N THR A 361 14.96 3.51 -26.38
CA THR A 361 15.04 4.29 -27.62
C THR A 361 15.56 3.47 -28.83
N GLU A 362 16.27 2.36 -28.58
CA GLU A 362 16.83 1.47 -29.62
C GLU A 362 15.76 0.63 -30.31
N SER A 363 14.76 0.15 -29.57
CA SER A 363 13.68 -0.73 -30.06
C SER A 363 12.31 -0.03 -30.19
N ALA A 364 12.03 1.02 -29.40
CA ALA A 364 10.73 1.71 -29.41
C ALA A 364 10.42 2.41 -30.72
N ALA A 365 9.14 2.36 -31.11
CA ALA A 365 8.60 3.08 -32.25
C ALA A 365 8.64 4.55 -31.83
N ALA A 366 9.01 5.46 -32.75
CA ALA A 366 9.10 6.87 -32.39
C ALA A 366 8.15 7.67 -33.25
N LEU A 367 7.55 8.70 -32.67
CA LEU A 367 6.61 9.58 -33.35
C LEU A 367 7.16 10.99 -33.24
N VAL A 368 7.40 11.63 -34.38
CA VAL A 368 7.98 12.96 -34.47
C VAL A 368 6.87 13.95 -34.79
N ILE A 369 6.72 14.94 -33.90
CA ILE A 369 5.67 15.97 -33.95
C ILE A 369 6.28 17.37 -33.81
N TYR A 370 5.49 18.41 -34.16
CA TYR A 370 5.92 19.81 -34.02
C TYR A 370 4.85 20.62 -33.30
N LEU A 371 5.23 21.21 -32.18
CA LEU A 371 4.34 22.06 -31.40
C LEU A 371 4.61 23.48 -31.91
N PRO A 372 3.64 24.12 -32.60
CA PRO A 372 3.92 25.42 -33.21
C PRO A 372 4.17 26.56 -32.23
N GLU A 373 5.02 27.50 -32.66
CA GLU A 373 5.38 28.72 -31.92
C GLU A 373 4.21 29.69 -32.05
N VAL A 374 3.36 29.72 -31.01
CA VAL A 374 2.12 30.51 -30.89
C VAL A 374 2.35 31.99 -30.53
N ALA A 375 3.59 32.37 -30.17
CA ALA A 375 3.96 33.72 -29.74
C ALA A 375 5.44 34.02 -30.04
N PRO A 376 5.82 35.29 -30.28
CA PRO A 376 7.25 35.59 -30.54
C PRO A 376 8.13 35.51 -29.29
N HIS A 377 7.52 35.26 -28.11
CA HIS A 377 8.18 35.19 -26.81
C HIS A 377 7.65 33.96 -26.03
N PRO A 378 8.38 33.39 -25.04
CA PRO A 378 7.84 32.23 -24.31
C PRO A 378 6.54 32.55 -23.56
N VAL A 379 5.58 31.60 -23.61
CA VAL A 379 4.26 31.72 -22.97
C VAL A 379 4.14 30.76 -21.77
N TYR A 380 3.81 31.32 -20.61
CA TYR A 380 3.66 30.59 -19.36
C TYR A 380 2.23 30.55 -18.92
N PHE A 381 1.81 29.46 -18.25
CA PHE A 381 0.46 29.40 -17.73
C PHE A 381 0.31 30.54 -16.69
N PRO A 382 -0.82 31.29 -16.70
CA PRO A 382 -0.96 32.40 -15.74
C PRO A 382 -0.74 32.03 -14.28
N ALA A 383 -0.15 32.97 -13.52
CA ALA A 383 0.12 32.79 -12.09
C ALA A 383 -1.20 32.79 -11.31
N LEU A 384 -1.22 32.13 -10.13
CA LEU A 384 -2.39 32.05 -9.26
C LEU A 384 -3.09 33.40 -9.05
N GLU A 385 -2.30 34.48 -8.87
CA GLU A 385 -2.76 35.87 -8.69
C GLU A 385 -3.64 36.35 -9.85
N LYS A 386 -3.23 36.02 -11.10
CA LYS A 386 -3.99 36.33 -12.31
C LYS A 386 -5.27 35.49 -12.38
N ILE A 387 -5.19 34.16 -11.98
CA ILE A 387 -6.33 33.26 -12.00
C ILE A 387 -7.39 33.73 -10.99
N LEU A 388 -6.96 34.03 -9.74
CA LEU A 388 -7.84 34.50 -8.66
C LEU A 388 -8.51 35.81 -9.01
N GLU A 389 -7.78 36.73 -9.69
CA GLU A 389 -8.31 38.00 -10.16
C GLU A 389 -9.47 37.79 -11.15
N LEU A 390 -9.32 36.84 -12.10
CA LEU A 390 -10.34 36.53 -13.10
C LEU A 390 -11.56 35.77 -12.54
N GLY A 391 -11.31 34.81 -11.65
CA GLY A 391 -12.32 33.98 -11.02
C GLY A 391 -13.13 34.66 -9.94
N ARG A 392 -12.57 35.76 -9.37
CA ARG A 392 -13.12 36.62 -8.31
C ARG A 392 -14.50 37.14 -8.71
N HIS A 393 -14.66 37.50 -10.00
CA HIS A 393 -15.87 38.05 -10.59
C HIS A 393 -16.80 36.96 -11.06
N GLY A 394 -18.06 37.09 -10.68
CA GLY A 394 -19.14 36.16 -10.99
C GLY A 394 -20.44 36.56 -10.34
N GLU A 395 -21.55 35.92 -10.77
CA GLU A 395 -22.88 36.16 -10.22
C GLU A 395 -23.22 35.02 -9.26
N ARG A 396 -24.10 35.28 -8.28
CA ARG A 396 -24.46 34.29 -7.27
C ARG A 396 -25.94 33.89 -7.31
N ARG A 398 -29.05 32.22 -5.99
CA ARG A 398 -30.26 32.92 -6.36
C ARG A 398 -31.27 31.95 -7.02
N ILE A 399 -31.81 31.03 -6.21
CA ILE A 399 -32.78 30.01 -6.65
C ILE A 399 -33.94 29.87 -5.67
N THR A 400 -34.99 29.14 -6.10
CA THR A 400 -36.18 28.87 -5.29
C THR A 400 -35.82 27.95 -4.11
N GLU A 401 -36.64 28.00 -3.05
CA GLU A 401 -36.52 27.16 -1.85
C GLU A 401 -36.72 25.68 -2.27
N GLU A 402 -37.58 25.46 -3.28
CA GLU A 402 -37.91 24.16 -3.89
C GLU A 402 -36.72 23.60 -4.68
N GLU A 403 -35.92 24.50 -5.32
CA GLU A 403 -34.72 24.15 -6.07
C GLU A 403 -33.55 23.81 -5.15
N GLN A 404 -33.48 24.50 -3.99
CA GLN A 404 -32.48 24.27 -2.94
C GLN A 404 -32.62 22.84 -2.43
N LEU A 405 -33.86 22.30 -2.46
CA LEU A 405 -34.20 20.93 -2.07
C LEU A 405 -33.69 19.91 -3.09
N GLN A 406 -33.73 20.27 -4.41
CA GLN A 406 -33.22 19.45 -5.51
C GLN A 406 -31.68 19.41 -5.45
N LEU A 407 -31.04 20.56 -5.12
CA LEU A 407 -29.58 20.68 -4.99
C LEU A 407 -29.10 19.85 -3.81
N ARG A 408 -29.76 19.99 -2.64
CA ARG A 408 -29.44 19.24 -1.43
C ARG A 408 -29.59 17.74 -1.69
N GLU A 409 -30.61 17.37 -2.51
CA GLU A 409 -30.89 15.99 -2.91
C GLU A 409 -29.72 15.36 -3.70
N ILE A 410 -29.23 16.07 -4.73
CA ILE A 410 -28.13 15.57 -5.57
C ILE A 410 -26.76 15.67 -4.87
N LEU A 411 -26.50 16.73 -4.07
CA LEU A 411 -25.23 16.88 -3.35
C LEU A 411 -25.07 15.90 -2.17
N GLU A 412 -26.16 15.23 -1.76
CA GLU A 412 -26.17 14.24 -0.68
C GLU A 412 -26.36 12.81 -1.22
N ARG A 413 -26.70 12.67 -2.51
CA ARG A 413 -26.93 11.41 -3.22
C ARG A 413 -25.71 10.48 -3.22
N GLY A 417 -21.93 8.22 -8.56
CA GLY A 417 -23.04 9.17 -8.53
C GLY A 417 -23.15 10.06 -9.76
N GLU A 418 -23.41 9.43 -10.93
CA GLU A 418 -23.55 10.10 -12.23
C GLU A 418 -24.77 11.03 -12.30
N LEU A 419 -24.62 12.19 -12.99
CA LEU A 419 -25.68 13.20 -13.12
C LEU A 419 -26.11 13.45 -14.57
N TYR A 420 -27.37 13.93 -14.75
CA TYR A 420 -27.91 14.37 -16.04
C TYR A 420 -27.42 15.81 -16.27
N GLU A 421 -27.37 16.26 -17.52
CA GLU A 421 -26.87 17.59 -17.88
C GLU A 421 -27.51 18.74 -17.07
N HIS A 422 -28.83 18.74 -16.88
CA HIS A 422 -29.54 19.79 -16.13
C HIS A 422 -29.15 19.82 -14.66
N GLU A 423 -28.83 18.64 -14.07
CA GLU A 423 -28.38 18.48 -12.68
C GLU A 423 -26.97 19.08 -12.51
N LYS A 424 -26.08 18.84 -13.50
CA LYS A 424 -24.71 19.38 -13.55
C LYS A 424 -24.76 20.91 -13.64
N ASP A 425 -25.68 21.45 -14.46
CA ASP A 425 -25.90 22.89 -14.66
C ASP A 425 -26.35 23.61 -13.38
N LEU A 426 -27.20 22.96 -12.57
CA LEU A 426 -27.68 23.51 -11.30
C LEU A 426 -26.54 23.49 -10.27
N VAL A 427 -25.70 22.42 -10.28
CA VAL A 427 -24.54 22.31 -9.38
C VAL A 427 -23.56 23.45 -9.68
N TRP A 428 -23.23 23.67 -10.96
CA TRP A 428 -22.36 24.77 -11.38
C TRP A 428 -22.96 26.15 -11.07
N LYS A 429 -24.25 26.40 -11.39
CA LYS A 429 -24.91 27.68 -11.06
C LYS A 429 -24.81 27.93 -9.54
N MET A 430 -25.12 26.90 -8.73
CA MET A 430 -25.08 26.97 -7.26
C MET A 430 -23.71 26.64 -6.63
N ARG A 431 -22.59 26.85 -7.34
CA ARG A 431 -21.23 26.52 -6.85
C ARG A 431 -20.84 27.24 -5.53
N HIS A 432 -21.38 28.46 -5.29
CA HIS A 432 -21.10 29.23 -4.08
C HIS A 432 -21.71 28.59 -2.85
N GLU A 433 -22.94 28.08 -2.99
CA GLU A 433 -23.66 27.41 -1.90
C GLU A 433 -23.02 26.06 -1.59
N VAL A 434 -22.35 25.45 -2.61
CA VAL A 434 -21.59 24.20 -2.44
C VAL A 434 -20.45 24.52 -1.46
N GLN A 435 -19.62 25.56 -1.74
CA GLN A 435 -18.53 25.97 -0.85
C GLN A 435 -19.00 26.31 0.59
N GLU A 436 -20.11 27.06 0.70
CA GLU A 436 -20.63 27.54 1.98
C GLU A 436 -21.42 26.52 2.80
N HIS A 437 -22.32 25.72 2.20
CA HIS A 437 -23.15 24.79 2.97
C HIS A 437 -22.93 23.30 2.70
N PHE A 438 -22.16 22.92 1.64
CA PHE A 438 -21.83 21.51 1.31
C PHE A 438 -20.32 21.37 0.93
N PRO A 439 -19.35 21.84 1.74
CA PRO A 439 -17.94 21.77 1.32
C PRO A 439 -17.40 20.36 1.03
N GLU A 440 -18.04 19.30 1.56
CA GLU A 440 -17.62 17.92 1.31
C GLU A 440 -18.02 17.41 -0.08
N ALA A 441 -18.83 18.20 -0.82
CA ALA A 441 -19.31 17.90 -2.16
C ALA A 441 -18.40 18.55 -3.25
N LEU A 442 -17.21 19.02 -2.84
CA LEU A 442 -16.19 19.59 -3.75
C LEU A 442 -15.91 18.66 -4.94
N ALA A 443 -15.72 17.36 -4.70
CA ALA A 443 -15.43 16.42 -5.80
C ALA A 443 -16.53 16.46 -6.90
N ARG A 444 -17.81 16.51 -6.48
CA ARG A 444 -18.95 16.58 -7.39
C ARG A 444 -18.91 17.88 -8.19
N LEU A 445 -18.61 19.02 -7.51
CA LEU A 445 -18.50 20.34 -8.17
C LEU A 445 -17.35 20.30 -9.20
N LEU A 446 -16.21 19.75 -8.82
CA LEU A 446 -15.05 19.58 -9.69
C LEU A 446 -15.34 18.79 -10.97
N LEU A 447 -16.19 17.74 -10.89
CA LEU A 447 -16.54 16.92 -12.06
C LEU A 447 -17.49 17.65 -13.03
N VAL A 448 -18.31 18.58 -12.54
CA VAL A 448 -19.19 19.34 -13.40
C VAL A 448 -18.47 20.57 -14.02
N THR A 449 -17.32 21.01 -13.45
CA THR A 449 -16.52 22.14 -13.97
C THR A 449 -16.09 21.85 -15.42
N LYS A 450 -16.17 22.85 -16.30
CA LYS A 450 -15.78 22.75 -17.71
C LYS A 450 -14.31 23.12 -17.80
N TRP A 451 -13.45 22.08 -17.66
CA TRP A 451 -11.99 22.16 -17.66
C TRP A 451 -11.42 22.65 -19.00
N ASN A 452 -12.27 22.67 -20.05
CA ASN A 452 -11.91 23.16 -21.39
C ASN A 452 -12.27 24.65 -21.61
N LYS A 453 -12.70 25.37 -20.54
CA LYS A 453 -13.03 26.80 -20.61
C LYS A 453 -12.21 27.48 -19.51
N HIS A 454 -11.21 28.30 -19.88
CA HIS A 454 -10.32 28.95 -18.89
C HIS A 454 -11.05 29.87 -17.88
N GLU A 455 -12.22 30.45 -18.26
CA GLU A 455 -12.96 31.31 -17.35
C GLU A 455 -13.63 30.50 -16.25
N ASP A 456 -14.26 29.36 -16.62
CA ASP A 456 -14.92 28.45 -15.66
C ASP A 456 -13.91 27.89 -14.66
N VAL A 457 -12.69 27.56 -15.16
CA VAL A 457 -11.60 27.02 -14.35
C VAL A 457 -11.16 28.06 -13.31
N ALA A 458 -11.03 29.34 -13.72
CA ALA A 458 -10.70 30.46 -12.84
C ALA A 458 -11.74 30.61 -11.73
N GLN A 459 -13.04 30.51 -12.09
CA GLN A 459 -14.16 30.59 -11.14
C GLN A 459 -14.13 29.40 -10.18
N MET A 460 -13.81 28.20 -10.69
CA MET A 460 -13.66 27.01 -9.83
C MET A 460 -12.46 27.21 -8.87
N LEU A 461 -11.29 27.60 -9.43
CA LEU A 461 -10.05 27.79 -8.66
C LEU A 461 -10.17 28.88 -7.60
N TYR A 462 -10.92 29.97 -7.89
CA TYR A 462 -11.16 31.05 -6.92
C TYR A 462 -11.85 30.51 -5.68
N LEU A 463 -12.87 29.65 -5.88
CA LEU A 463 -13.61 28.94 -4.82
C LEU A 463 -12.74 27.92 -4.11
N LEU A 464 -11.84 27.26 -4.85
CA LEU A 464 -10.97 26.22 -4.29
C LEU A 464 -9.97 26.82 -3.29
N CYS A 465 -9.50 28.03 -3.56
CA CYS A 465 -8.50 28.68 -2.72
C CYS A 465 -9.06 29.22 -1.38
N SER A 466 -10.38 29.31 -1.23
CA SER A 466 -10.96 29.65 0.06
C SER A 466 -11.76 28.45 0.63
N TRP A 467 -11.64 27.26 -0.03
CA TRP A 467 -12.35 26.06 0.39
C TRP A 467 -11.84 25.53 1.74
N PRO A 468 -12.71 25.23 2.72
CA PRO A 468 -12.21 24.67 3.99
C PRO A 468 -11.54 23.30 3.79
N GLU A 469 -10.58 22.94 4.66
CA GLU A 469 -9.94 21.61 4.62
C GLU A 469 -11.02 20.56 4.80
N LEU A 470 -10.87 19.46 4.10
CA LEU A 470 -11.85 18.38 4.12
C LEU A 470 -11.36 17.18 4.93
N PRO A 471 -12.26 16.28 5.37
CA PRO A 471 -11.79 15.08 6.09
C PRO A 471 -10.85 14.23 5.21
N VAL A 472 -10.01 13.44 5.86
CA VAL A 472 -9.05 12.53 5.22
C VAL A 472 -9.73 11.68 4.13
N LEU A 473 -10.96 11.17 4.40
CA LEU A 473 -11.72 10.36 3.47
C LEU A 473 -12.01 11.11 2.16
N SER A 474 -12.43 12.37 2.27
CA SER A 474 -12.71 13.22 1.12
C SER A 474 -11.42 13.43 0.29
N ALA A 475 -10.31 13.69 0.97
CA ALA A 475 -9.01 13.94 0.37
C ALA A 475 -8.48 12.71 -0.37
N LEU A 476 -8.82 11.48 0.10
CA LEU A 476 -8.40 10.26 -0.58
C LEU A 476 -9.05 10.14 -1.97
N GLU A 477 -10.32 10.58 -2.07
CA GLU A 477 -11.10 10.57 -3.32
C GLU A 477 -10.52 11.56 -4.32
N LEU A 478 -10.03 12.72 -3.82
CA LEU A 478 -9.47 13.80 -4.63
C LEU A 478 -8.11 13.48 -5.27
N LEU A 479 -7.45 12.40 -4.80
CA LEU A 479 -6.18 11.96 -5.34
C LEU A 479 -6.38 11.12 -6.57
N ASP A 480 -7.63 10.74 -6.85
CA ASP A 480 -7.99 9.94 -8.01
C ASP A 480 -7.54 10.68 -9.27
N PHE A 481 -7.22 9.92 -10.32
CA PHE A 481 -6.79 10.44 -11.62
C PHE A 481 -7.89 11.33 -12.26
N SER A 482 -9.17 11.17 -11.82
CA SER A 482 -10.31 11.99 -12.25
C SER A 482 -10.12 13.48 -11.88
N PHE A 483 -9.21 13.80 -10.92
CA PHE A 483 -8.94 15.18 -10.49
C PHE A 483 -7.50 15.52 -10.83
N PRO A 484 -7.16 15.77 -12.11
CA PRO A 484 -5.76 16.02 -12.48
C PRO A 484 -5.19 17.40 -12.18
N ASP A 485 -6.05 18.40 -11.88
CA ASP A 485 -5.55 19.76 -11.63
C ASP A 485 -4.59 19.79 -10.45
N CYS A 486 -3.45 20.50 -10.64
CA CYS A 486 -2.37 20.65 -9.65
C CYS A 486 -2.81 21.40 -8.41
N TYR A 487 -3.76 22.35 -8.54
CA TYR A 487 -4.27 23.05 -7.36
C TYR A 487 -5.17 22.15 -6.53
N VAL A 488 -5.94 21.27 -7.19
CA VAL A 488 -6.81 20.27 -6.56
C VAL A 488 -5.88 19.24 -5.86
N GLY A 489 -4.85 18.78 -6.57
CA GLY A 489 -3.85 17.87 -6.02
C GLY A 489 -3.16 18.42 -4.79
N SER A 490 -2.79 19.71 -4.84
CA SER A 490 -2.17 20.41 -3.72
C SER A 490 -3.17 20.57 -2.56
N PHE A 491 -4.48 20.81 -2.87
CA PHE A 491 -5.56 20.92 -1.87
C PHE A 491 -5.76 19.57 -1.17
N ALA A 492 -5.78 18.46 -1.95
CA ALA A 492 -5.91 17.09 -1.43
C ALA A 492 -4.79 16.78 -0.42
N ILE A 493 -3.53 17.12 -0.77
CA ILE A 493 -2.39 16.90 0.14
C ILE A 493 -2.54 17.77 1.43
N LYS A 494 -2.95 19.06 1.29
CA LYS A 494 -3.18 19.94 2.44
C LYS A 494 -4.20 19.31 3.41
N SER A 495 -5.30 18.71 2.88
CA SER A 495 -6.28 17.99 3.72
C SER A 495 -5.73 16.65 4.27
N LEU A 496 -4.74 16.03 3.59
CA LEU A 496 -4.16 14.76 4.05
C LEU A 496 -3.05 14.92 5.12
N ARG A 497 -2.57 16.15 5.36
CA ARG A 497 -1.50 16.41 6.32
C ARG A 497 -1.87 16.01 7.77
N LYS A 498 -3.16 16.01 8.08
CA LYS A 498 -3.65 15.63 9.39
C LYS A 498 -3.68 14.08 9.56
N LEU A 499 -3.29 13.30 8.51
CA LEU A 499 -3.21 11.83 8.63
C LEU A 499 -2.23 11.52 9.75
N THR A 500 -2.60 10.58 10.62
CA THR A 500 -1.68 10.13 11.66
C THR A 500 -0.71 9.18 10.94
N ASP A 501 0.41 8.86 11.58
CA ASP A 501 1.37 7.89 11.07
C ASP A 501 0.73 6.51 10.90
N ASP A 502 -0.22 6.12 11.78
CA ASP A 502 -0.93 4.83 11.62
C ASP A 502 -1.83 4.83 10.39
N GLU A 503 -2.55 5.95 10.12
CA GLU A 503 -3.40 6.06 8.93
C GLU A 503 -2.53 6.11 7.68
N LEU A 504 -1.47 6.91 7.72
CA LEU A 504 -0.56 7.01 6.59
C LEU A 504 0.02 5.63 6.23
N PHE A 505 0.47 4.88 7.26
CA PHE A 505 0.98 3.53 7.07
C PHE A 505 -0.04 2.62 6.37
N GLN A 506 -1.32 2.66 6.82
CA GLN A 506 -2.42 1.87 6.24
C GLN A 506 -2.66 2.22 4.73
N TYR A 507 -2.55 3.52 4.36
CA TYR A 507 -2.80 4.00 2.98
C TYR A 507 -1.55 4.19 2.14
N LEU A 508 -0.38 3.87 2.68
CA LEU A 508 0.91 4.06 1.98
C LEU A 508 0.96 3.39 0.64
N LEU A 509 0.51 2.13 0.56
CA LEU A 509 0.54 1.40 -0.70
C LEU A 509 -0.19 2.19 -1.83
N GLN A 510 -1.40 2.69 -1.55
CA GLN A 510 -2.22 3.47 -2.47
C GLN A 510 -1.55 4.79 -2.84
N LEU A 511 -0.99 5.50 -1.85
CA LEU A 511 -0.30 6.78 -2.10
C LEU A 511 0.90 6.62 -3.04
N VAL A 512 1.63 5.47 -2.93
CA VAL A 512 2.74 5.17 -3.85
C VAL A 512 2.17 4.96 -5.27
N GLN A 513 1.01 4.27 -5.39
CA GLN A 513 0.42 4.06 -6.73
C GLN A 513 0.04 5.39 -7.41
N VAL A 514 -0.41 6.38 -6.60
CA VAL A 514 -0.79 7.71 -7.09
C VAL A 514 0.40 8.41 -7.82
N LEU A 515 1.64 8.15 -7.37
CA LEU A 515 2.87 8.67 -7.99
C LEU A 515 2.96 8.36 -9.50
N LYS A 516 2.43 7.21 -9.90
CA LYS A 516 2.42 6.77 -11.32
C LYS A 516 1.47 7.57 -12.21
N TYR A 517 0.57 8.37 -11.62
CA TYR A 517 -0.41 9.22 -12.30
C TYR A 517 0.17 10.63 -12.42
N GLU A 518 1.19 10.99 -11.60
CA GLU A 518 1.78 12.34 -11.56
C GLU A 518 2.32 12.76 -12.91
N SER A 519 2.13 14.03 -13.25
CA SER A 519 2.57 14.55 -14.54
C SER A 519 4.01 15.03 -14.51
N TYR A 520 4.51 15.39 -13.31
CA TYR A 520 5.87 15.91 -13.15
C TYR A 520 6.60 15.23 -12.02
N LEU A 521 7.94 15.34 -12.00
CA LEU A 521 8.78 14.69 -10.97
C LEU A 521 8.62 15.36 -9.61
N ASP A 522 8.80 16.69 -9.57
CA ASP A 522 8.67 17.45 -8.34
C ASP A 522 7.18 17.78 -8.18
N CYS A 523 6.54 17.16 -7.20
CA CYS A 523 5.11 17.34 -6.93
C CYS A 523 4.89 17.32 -5.41
N GLU A 524 3.75 17.86 -4.97
CA GLU A 524 3.38 17.92 -3.56
C GLU A 524 3.28 16.54 -2.90
N LEU A 525 2.79 15.52 -3.62
CA LEU A 525 2.70 14.16 -3.06
C LEU A 525 4.09 13.57 -2.72
N THR A 526 5.08 13.70 -3.63
CA THR A 526 6.46 13.22 -3.41
C THR A 526 7.10 13.88 -2.17
N LYS A 527 7.01 15.21 -2.06
CA LYS A 527 7.53 15.96 -0.92
C LYS A 527 6.85 15.56 0.38
N PHE A 528 5.51 15.33 0.37
CA PHE A 528 4.75 14.88 1.53
C PHE A 528 5.24 13.47 2.01
N LEU A 529 5.29 12.53 1.09
CA LEU A 529 5.76 11.17 1.34
C LEU A 529 7.19 11.16 1.83
N LEU A 530 8.08 11.99 1.24
CA LEU A 530 9.47 12.05 1.68
C LEU A 530 9.61 12.61 3.11
N GLY A 531 8.91 13.72 3.39
CA GLY A 531 8.91 14.37 4.70
C GLY A 531 8.36 13.45 5.79
N ARG A 532 7.26 12.74 5.48
CA ARG A 532 6.73 11.80 6.47
C ARG A 532 7.67 10.59 6.67
N ALA A 533 8.36 10.16 5.60
CA ALA A 533 9.27 9.01 5.63
C ALA A 533 10.52 9.33 6.43
N LEU A 534 10.98 10.60 6.36
CA LEU A 534 12.15 11.07 7.09
C LEU A 534 11.88 11.32 8.55
N ALA A 535 10.60 11.49 8.90
CA ALA A 535 10.14 11.74 10.28
C ALA A 535 9.66 10.44 11.00
N ASN A 536 9.51 9.32 10.28
CA ASN A 536 9.09 8.02 10.82
C ASN A 536 9.80 6.91 10.06
N ARG A 537 10.75 6.24 10.73
CA ARG A 537 11.59 5.22 10.17
C ARG A 537 10.83 4.00 9.58
N LYS A 538 9.66 3.67 10.16
CA LYS A 538 8.84 2.55 9.68
C LYS A 538 8.16 2.99 8.37
N ILE A 539 7.77 4.30 8.26
CA ILE A 539 7.18 4.84 7.03
C ILE A 539 8.27 4.80 5.93
N GLY A 540 9.48 5.25 6.28
CA GLY A 540 10.66 5.27 5.42
C GLY A 540 11.01 3.91 4.87
N HIS A 541 11.00 2.91 5.76
CA HIS A 541 11.23 1.49 5.45
C HIS A 541 10.24 0.98 4.35
N PHE A 542 8.94 1.17 4.54
CA PHE A 542 7.93 0.71 3.58
C PHE A 542 7.86 1.57 2.32
N LEU A 543 8.12 2.88 2.44
CA LEU A 543 8.20 3.70 1.23
C LEU A 543 9.36 3.19 0.36
N PHE A 544 10.55 2.95 0.99
CA PHE A 544 11.70 2.42 0.25
C PHE A 544 11.33 1.10 -0.50
N TRP A 545 10.75 0.12 0.22
CA TRP A 545 10.45 -1.20 -0.38
C TRP A 545 9.37 -1.16 -1.45
N HIS A 546 8.32 -0.34 -1.28
CA HIS A 546 7.30 -0.18 -2.32
C HIS A 546 7.89 0.36 -3.61
N LEU A 547 8.81 1.33 -3.49
CA LEU A 547 9.51 1.91 -4.65
C LEU A 547 10.53 0.93 -5.24
N ARG A 548 11.39 0.35 -4.38
CA ARG A 548 12.44 -0.58 -4.82
C ARG A 548 11.88 -1.79 -5.59
N SER A 549 10.74 -2.32 -5.12
CA SER A 549 10.16 -3.52 -5.69
C SER A 549 9.66 -3.30 -7.14
N GLU A 550 9.63 -2.04 -7.62
CA GLU A 550 9.16 -1.73 -8.97
C GLU A 550 10.23 -1.13 -9.90
N MET A 551 11.52 -1.22 -9.52
CA MET A 551 12.61 -0.66 -10.37
C MET A 551 12.79 -1.41 -11.67
N HIS A 552 12.29 -2.64 -11.77
CA HIS A 552 12.35 -3.45 -13.00
C HIS A 552 11.29 -2.98 -14.02
N VAL A 553 10.42 -2.04 -13.63
CA VAL A 553 9.33 -1.51 -14.47
C VAL A 553 9.85 -0.22 -15.11
N PRO A 554 10.24 -0.21 -16.42
CA PRO A 554 10.81 1.00 -17.04
C PRO A 554 10.01 2.30 -16.93
N SER A 555 8.67 2.26 -16.93
CA SER A 555 7.86 3.49 -16.82
C SER A 555 7.92 4.18 -15.45
N VAL A 556 8.38 3.48 -14.39
CA VAL A 556 8.45 4.10 -13.05
C VAL A 556 9.87 4.18 -12.51
N ALA A 557 10.83 3.45 -13.13
CA ALA A 557 12.20 3.33 -12.63
C ALA A 557 12.92 4.66 -12.43
N LEU A 558 12.69 5.64 -13.32
CA LEU A 558 13.31 6.97 -13.17
C LEU A 558 12.75 7.70 -11.95
N ARG A 559 11.43 7.90 -11.90
CA ARG A 559 10.77 8.55 -10.78
C ARG A 559 11.10 7.85 -9.43
N PHE A 560 10.93 6.53 -9.39
CA PHE A 560 11.12 5.74 -8.15
C PHE A 560 12.57 5.77 -7.69
N GLY A 561 13.49 5.66 -8.66
CA GLY A 561 14.92 5.77 -8.42
C GLY A 561 15.32 7.09 -7.78
N LEU A 562 14.84 8.23 -8.37
CA LEU A 562 15.07 9.60 -7.85
C LEU A 562 14.54 9.82 -6.43
N ILE A 563 13.36 9.24 -6.12
CA ILE A 563 12.76 9.33 -4.78
C ILE A 563 13.63 8.57 -3.76
N MET A 564 14.11 7.37 -4.12
CA MET A 564 14.93 6.57 -3.17
C MET A 564 16.30 7.23 -2.95
N GLU A 565 16.89 7.81 -4.01
CA GLU A 565 18.15 8.56 -3.88
C GLU A 565 17.94 9.70 -2.84
N ALA A 566 16.90 10.54 -3.06
CA ALA A 566 16.58 11.67 -2.18
C ALA A 566 16.42 11.16 -0.76
N TYR A 567 15.63 10.09 -0.55
CA TYR A 567 15.48 9.47 0.75
C TYR A 567 16.83 9.10 1.41
N CYS A 568 17.70 8.42 0.65
CA CYS A 568 19.02 8.02 1.13
C CYS A 568 19.88 9.21 1.57
N ARG A 569 19.76 10.38 0.89
CA ARG A 569 20.44 11.63 1.28
C ARG A 569 19.98 12.10 2.65
N GLY A 570 18.72 11.84 2.97
CA GLY A 570 18.10 12.16 4.25
C GLY A 570 18.41 11.16 5.36
N SER A 571 18.88 9.95 5.03
CA SER A 571 19.19 8.94 6.07
C SER A 571 20.23 7.94 5.64
N THR A 572 21.50 8.33 5.79
CA THR A 572 22.66 7.52 5.44
C THR A 572 22.69 6.22 6.25
N HIS A 573 22.34 6.27 7.55
CA HIS A 573 22.32 5.08 8.41
C HIS A 573 21.26 4.07 7.92
N HIS A 574 20.03 4.55 7.66
CA HIS A 574 18.98 3.69 7.19
C HIS A 574 19.30 3.08 5.83
N MET A 575 20.02 3.84 4.96
CA MET A 575 20.50 3.34 3.67
C MET A 575 21.34 2.05 3.91
N LYS A 576 22.26 2.06 4.88
CA LYS A 576 23.09 0.88 5.22
C LYS A 576 22.27 -0.28 5.80
N VAL A 577 21.24 0.03 6.62
CA VAL A 577 20.34 -0.97 7.19
C VAL A 577 19.58 -1.65 6.03
N LEU A 578 19.12 -0.85 5.05
CA LEU A 578 18.44 -1.36 3.87
C LEU A 578 19.38 -2.14 2.94
N MET A 579 20.68 -1.75 2.83
CA MET A 579 21.65 -2.50 2.03
C MET A 579 21.83 -3.89 2.62
N LYS A 580 21.90 -3.99 3.94
CA LYS A 580 22.03 -5.27 4.64
C LYS A 580 20.81 -6.17 4.28
N GLN A 581 19.61 -5.58 4.16
CA GLN A 581 18.40 -6.34 3.76
C GLN A 581 18.54 -6.82 2.29
N GLY A 582 18.99 -5.94 1.40
CA GLY A 582 19.20 -6.26 0.00
C GLY A 582 20.26 -7.35 -0.24
N GLU A 583 21.28 -7.41 0.64
CA GLU A 583 22.38 -8.39 0.59
C GLU A 583 21.82 -9.75 1.00
N ALA A 584 20.92 -9.80 2.00
CA ALA A 584 20.25 -11.02 2.40
C ALA A 584 19.36 -11.51 1.26
N LEU A 585 18.61 -10.61 0.60
CA LEU A 585 17.69 -10.97 -0.49
C LEU A 585 18.41 -11.47 -1.72
N SER A 586 19.62 -10.93 -1.97
CA SER A 586 20.47 -11.35 -3.08
C SER A 586 20.90 -12.77 -2.87
N LYS A 587 21.33 -13.10 -1.66
CA LYS A 587 21.75 -14.45 -1.29
C LYS A 587 20.58 -15.47 -1.32
N LEU A 588 19.35 -15.04 -0.92
CA LEU A 588 18.17 -15.89 -0.93
C LEU A 588 17.80 -16.27 -2.34
N LYS A 589 17.89 -15.28 -3.26
CA LYS A 589 17.65 -15.48 -4.68
C LYS A 589 18.62 -16.55 -5.24
N ALA A 590 19.93 -16.43 -4.93
CA ALA A 590 20.95 -17.41 -5.39
C ALA A 590 20.72 -18.79 -4.74
N LEU A 591 20.40 -18.81 -3.44
CA LEU A 591 20.05 -20.02 -2.69
C LEU A 591 18.83 -20.70 -3.31
N ASN A 592 17.79 -19.91 -3.68
CA ASN A 592 16.56 -20.45 -4.28
C ASN A 592 16.83 -21.03 -5.63
N ASP A 593 17.71 -20.37 -6.42
CA ASP A 593 18.12 -20.82 -7.75
C ASP A 593 18.75 -22.18 -7.68
N PHE A 594 19.61 -22.42 -6.66
CA PHE A 594 20.27 -23.69 -6.41
C PHE A 594 19.27 -24.75 -6.01
N VAL A 595 18.34 -24.37 -5.13
CA VAL A 595 17.31 -25.28 -4.63
C VAL A 595 16.44 -25.76 -5.77
N LYS A 596 15.99 -24.83 -6.65
CA LYS A 596 15.13 -25.14 -7.79
C LYS A 596 15.75 -26.18 -8.72
N VAL A 597 17.08 -26.06 -9.00
CA VAL A 597 17.80 -26.96 -9.89
C VAL A 597 18.06 -28.32 -9.19
N SER A 598 18.52 -28.30 -7.92
CA SER A 598 18.79 -29.50 -7.15
C SER A 598 17.52 -30.33 -6.94
N SER A 599 16.35 -29.66 -6.82
CA SER A 599 15.04 -30.31 -6.65
C SER A 599 14.59 -31.06 -7.91
N GLN A 600 15.01 -30.59 -9.11
CA GLN A 600 14.68 -31.19 -10.41
C GLN A 600 15.48 -32.47 -10.72
N LYS A 601 16.53 -32.73 -9.93
CA LYS A 601 17.41 -33.87 -10.17
C LYS A 601 17.43 -34.93 -9.06
N THR A 602 17.54 -34.52 -7.78
CA THR A 602 17.64 -35.45 -6.66
C THR A 602 16.41 -35.40 -5.72
N THR A 603 16.48 -36.11 -4.57
CA THR A 603 15.39 -36.18 -3.58
C THR A 603 15.43 -34.97 -2.62
N LYS A 604 14.27 -34.65 -1.98
CA LYS A 604 14.14 -33.54 -1.03
C LYS A 604 15.17 -33.63 0.12
N PRO A 605 15.40 -34.81 0.78
CA PRO A 605 16.43 -34.86 1.84
C PRO A 605 17.81 -34.39 1.41
N GLN A 606 18.22 -34.72 0.16
CA GLN A 606 19.54 -34.37 -0.43
C GLN A 606 19.61 -32.89 -0.71
N THR A 607 18.59 -32.34 -1.42
CA THR A 607 18.47 -30.90 -1.73
C THR A 607 18.47 -30.10 -0.43
N LYS A 608 17.78 -30.59 0.61
CA LYS A 608 17.72 -29.92 1.89
C LYS A 608 19.10 -29.90 2.56
N GLU A 609 19.87 -31.01 2.48
CA GLU A 609 21.21 -31.06 3.07
C GLU A 609 22.18 -30.17 2.34
N MET A 610 22.02 -30.04 1.02
CA MET A 610 22.83 -29.20 0.15
C MET A 610 22.49 -27.72 0.32
N MET A 611 21.20 -27.42 0.60
CA MET A 611 20.74 -26.06 0.88
C MET A 611 21.44 -25.63 2.16
N HIS A 612 21.39 -26.51 3.15
CA HIS A 612 22.00 -26.35 4.45
C HIS A 612 23.52 -26.19 4.36
N MET A 613 24.16 -26.96 3.45
CA MET A 613 25.60 -26.88 3.27
C MET A 613 25.97 -25.52 2.71
N CYS A 614 25.21 -25.04 1.71
CA CYS A 614 25.36 -23.73 1.09
C CYS A 614 25.14 -22.57 2.05
N MET A 615 24.15 -22.70 2.94
CA MET A 615 23.83 -21.68 3.93
C MET A 615 24.92 -21.61 4.99
N ARG A 616 25.55 -22.77 5.26
CA ARG A 616 26.63 -22.89 6.26
C ARG A 616 27.94 -22.19 5.84
N GLN A 617 28.07 -21.82 4.53
CA GLN A 617 29.22 -21.06 4.00
C GLN A 617 29.22 -19.69 4.70
N GLU A 618 30.41 -19.22 5.13
CA GLU A 618 30.66 -17.95 5.84
C GLU A 618 29.94 -16.74 5.24
N THR A 619 29.95 -16.60 3.90
CA THR A 619 29.33 -15.50 3.16
C THR A 619 27.80 -15.55 3.27
N TYR A 620 27.21 -16.77 3.41
CA TYR A 620 25.77 -16.96 3.56
C TYR A 620 25.37 -16.72 4.98
N MET A 621 26.14 -17.25 5.94
CA MET A 621 25.85 -17.10 7.37
C MET A 621 25.80 -15.64 7.78
N GLU A 622 26.74 -14.85 7.25
CA GLU A 622 26.88 -13.41 7.52
C GLU A 622 25.82 -12.56 6.83
N ALA A 623 25.54 -12.83 5.55
CA ALA A 623 24.55 -12.05 4.80
C ALA A 623 23.11 -12.26 5.30
N LEU A 624 22.78 -13.48 5.71
CA LEU A 624 21.43 -13.82 6.18
C LEU A 624 21.24 -13.56 7.65
N SER A 625 22.26 -13.20 8.37
CA SER A 625 22.07 -12.99 9.80
C SER A 625 22.16 -11.54 10.19
N HIS A 626 21.60 -11.18 11.36
CA HIS A 626 21.61 -9.84 11.98
C HIS A 626 21.05 -8.73 11.05
N LEU A 627 19.79 -8.88 10.66
CA LEU A 627 19.14 -7.87 9.83
C LEU A 627 17.75 -7.52 10.35
N GLN A 628 17.24 -6.36 9.98
CA GLN A 628 15.86 -6.02 10.29
C GLN A 628 15.07 -6.68 9.21
N SER A 629 13.91 -7.25 9.58
CA SER A 629 13.07 -7.90 8.59
C SER A 629 12.45 -6.88 7.59
N PRO A 630 12.59 -7.13 6.26
CA PRO A 630 11.88 -6.27 5.28
C PRO A 630 10.35 -6.29 5.52
N LEU A 631 9.82 -7.38 6.08
CA LEU A 631 8.38 -7.48 6.35
C LEU A 631 7.89 -6.58 7.49
N ASP A 632 8.80 -6.29 8.45
CA ASP A 632 8.47 -5.52 9.64
C ASP A 632 9.81 -5.10 10.25
N PRO A 633 10.21 -3.80 10.17
CA PRO A 633 11.50 -3.40 10.74
C PRO A 633 11.61 -3.57 12.28
N SER A 634 10.48 -3.75 12.99
CA SER A 634 10.48 -4.01 14.44
C SER A 634 10.99 -5.43 14.71
N THR A 635 10.82 -6.34 13.71
CA THR A 635 11.29 -7.71 13.82
C THR A 635 12.77 -7.79 13.42
N LEU A 636 13.59 -8.31 14.33
CA LEU A 636 15.01 -8.55 14.11
C LEU A 636 15.21 -10.03 13.72
N LEU A 637 15.97 -10.29 12.63
CA LEU A 637 16.24 -11.67 12.18
C LEU A 637 17.66 -11.84 12.54
N GLU A 638 17.91 -12.48 13.69
CA GLU A 638 19.23 -12.56 14.25
C GLU A 638 20.06 -13.70 13.73
N GLU A 639 19.97 -14.88 14.35
CA GLU A 639 20.78 -16.02 13.91
C GLU A 639 19.93 -16.92 13.04
N VAL A 640 20.36 -17.12 11.80
CA VAL A 640 19.68 -18.04 10.89
C VAL A 640 19.84 -19.45 11.48
N CYS A 641 18.73 -20.22 11.62
CA CYS A 641 18.75 -21.59 12.16
C CYS A 641 18.69 -22.51 10.99
N VAL A 642 19.87 -22.79 10.43
CA VAL A 642 20.05 -23.58 9.20
C VAL A 642 19.30 -24.92 9.24
N GLU A 643 19.45 -25.66 10.37
CA GLU A 643 18.84 -26.96 10.56
C GLU A 643 17.32 -26.94 10.34
N GLN A 644 16.67 -25.82 10.72
CA GLN A 644 15.23 -25.61 10.59
C GLN A 644 14.83 -24.99 9.23
N CYS A 645 15.80 -24.66 8.38
CA CYS A 645 15.47 -24.07 7.07
C CYS A 645 15.15 -25.16 6.09
N THR A 646 14.21 -24.89 5.22
CA THR A 646 13.80 -25.86 4.22
C THR A 646 13.27 -25.11 3.03
N PHE A 647 12.54 -25.80 2.17
CA PHE A 647 11.90 -25.21 1.02
C PHE A 647 10.59 -25.97 0.81
N MET A 648 9.63 -25.34 0.15
CA MET A 648 8.34 -25.96 -0.12
C MET A 648 8.30 -26.61 -1.50
N ASP A 649 7.41 -27.62 -1.64
CA ASP A 649 7.27 -28.47 -2.83
C ASP A 649 6.51 -27.85 -3.99
N SER A 650 5.87 -26.70 -3.77
CA SER A 650 5.14 -25.96 -4.81
C SER A 650 6.10 -25.51 -5.92
N LYS A 651 5.57 -25.26 -7.11
CA LYS A 651 6.27 -24.92 -8.36
C LYS A 651 7.56 -24.08 -8.19
N MET A 652 7.48 -22.97 -7.41
CA MET A 652 8.62 -22.05 -7.27
C MET A 652 9.63 -22.45 -6.22
N LYS A 653 9.37 -23.58 -5.52
CA LYS A 653 10.23 -24.09 -4.45
C LYS A 653 10.55 -22.96 -3.45
N PRO A 654 9.54 -22.22 -2.90
CA PRO A 654 9.88 -21.14 -1.97
C PRO A 654 10.64 -21.61 -0.75
N LEU A 655 11.58 -20.78 -0.33
CA LEU A 655 12.43 -21.06 0.81
C LEU A 655 11.71 -20.76 2.12
N TRP A 656 11.96 -21.56 3.14
CA TRP A 656 11.40 -21.47 4.48
C TRP A 656 12.59 -21.23 5.39
N ILE A 657 12.77 -19.97 5.82
CA ILE A 657 13.93 -19.53 6.61
C ILE A 657 13.57 -19.23 8.04
N MET A 658 14.23 -19.93 8.97
CA MET A 658 13.96 -19.77 10.39
C MET A 658 15.09 -19.06 11.07
N TYR A 659 14.75 -18.29 12.07
CA TYR A 659 15.70 -17.52 12.86
C TYR A 659 15.49 -17.73 14.35
N SER A 660 16.51 -17.45 15.16
CA SER A 660 16.41 -17.48 16.61
C SER A 660 17.21 -16.32 17.17
N SER A 661 16.85 -15.90 18.39
CA SER A 661 17.52 -14.82 19.08
C SER A 661 17.52 -15.13 20.59
N GLU A 662 18.71 -15.31 21.16
CA GLU A 662 18.82 -15.59 22.60
C GLU A 662 18.23 -14.44 23.43
N GLU A 663 18.54 -13.18 23.03
CA GLU A 663 18.06 -11.96 23.70
C GLU A 663 16.54 -11.87 23.75
N ALA A 664 15.86 -12.25 22.67
CA ALA A 664 14.40 -12.22 22.63
C ALA A 664 13.74 -13.44 23.28
N GLY A 665 14.47 -14.56 23.38
CA GLY A 665 13.96 -15.83 23.88
C GLY A 665 13.02 -16.42 22.84
N SER A 666 11.84 -16.92 23.27
CA SER A 666 10.83 -17.49 22.38
C SER A 666 10.30 -16.52 21.29
N ALA A 667 10.35 -15.21 21.56
CA ALA A 667 9.88 -14.16 20.65
C ALA A 667 10.82 -13.93 19.45
N GLY A 668 12.08 -14.32 19.59
CA GLY A 668 13.10 -14.19 18.55
C GLY A 668 13.05 -15.31 17.53
N ASN A 669 12.16 -16.31 17.77
CA ASN A 669 11.95 -17.47 16.91
C ASN A 669 10.99 -17.02 15.87
N VAL A 670 11.49 -16.69 14.68
CA VAL A 670 10.65 -16.12 13.64
C VAL A 670 11.02 -16.73 12.31
N GLY A 671 10.06 -16.80 11.42
CA GLY A 671 10.35 -17.34 10.11
C GLY A 671 9.96 -16.39 9.01
N ILE A 672 10.59 -16.57 7.85
CA ILE A 672 10.27 -15.84 6.63
C ILE A 672 10.21 -16.83 5.51
N ILE A 673 9.36 -16.56 4.54
CA ILE A 673 9.29 -17.37 3.34
C ILE A 673 9.80 -16.48 2.23
N PHE A 674 10.76 -16.95 1.44
CA PHE A 674 11.25 -16.15 0.30
C PHE A 674 10.65 -16.80 -0.93
N LYS A 675 10.02 -16.00 -1.79
CA LYS A 675 9.41 -16.58 -2.98
C LYS A 675 9.85 -15.83 -4.24
N ASN A 676 10.39 -16.57 -5.20
CA ASN A 676 10.83 -16.00 -6.46
C ASN A 676 10.18 -16.74 -7.62
N GLY A 677 9.45 -16.01 -8.45
CA GLY A 677 8.76 -16.56 -9.60
C GLY A 677 7.32 -16.10 -9.72
N ASP A 678 6.68 -15.74 -8.59
CA ASP A 678 5.30 -15.24 -8.57
C ASP A 678 5.23 -13.76 -8.22
N ASP A 679 4.23 -13.07 -8.74
CA ASP A 679 4.02 -11.66 -8.51
C ASP A 679 3.18 -11.55 -7.22
N LEU A 680 3.73 -10.90 -6.15
CA LEU A 680 3.08 -10.89 -4.83
C LEU A 680 2.26 -9.64 -4.51
N ARG A 681 2.13 -8.71 -5.47
CA ARG A 681 1.42 -7.44 -5.27
C ARG A 681 -0.06 -7.60 -4.92
N GLN A 682 -0.77 -8.52 -5.59
CA GLN A 682 -2.20 -8.74 -5.32
C GLN A 682 -2.42 -9.34 -3.94
N ASP A 683 -1.54 -10.27 -3.55
CA ASP A 683 -1.55 -10.87 -2.20
C ASP A 683 -1.39 -9.82 -1.14
N MET A 684 -0.38 -8.93 -1.29
CA MET A 684 -0.11 -7.87 -0.32
C MET A 684 -1.32 -6.95 -0.22
N LEU A 685 -1.90 -6.56 -1.37
CA LEU A 685 -3.09 -5.71 -1.34
C LEU A 685 -4.23 -6.39 -0.56
N THR A 686 -4.50 -7.68 -0.87
CA THR A 686 -5.56 -8.44 -0.22
C THR A 686 -5.36 -8.47 1.29
N LEU A 687 -4.13 -8.81 1.72
CA LEU A 687 -3.78 -8.87 3.14
C LEU A 687 -3.87 -7.51 3.82
N GLN A 688 -3.49 -6.41 3.12
CA GLN A 688 -3.61 -5.08 3.71
C GLN A 688 -5.09 -4.69 3.86
N MET A 689 -5.96 -5.08 2.88
CA MET A 689 -7.43 -4.82 2.99
C MET A 689 -8.02 -5.62 4.18
N ILE A 690 -7.55 -6.86 4.40
CA ILE A 690 -8.00 -7.70 5.52
C ILE A 690 -7.55 -7.04 6.85
N GLN A 691 -6.31 -6.53 6.90
CA GLN A 691 -5.83 -5.82 8.07
C GLN A 691 -6.68 -4.57 8.35
N LEU A 692 -7.06 -3.84 7.29
CA LEU A 692 -7.89 -2.65 7.44
C LEU A 692 -9.26 -3.03 8.04
N MET A 693 -9.83 -4.17 7.57
CA MET A 693 -11.10 -4.69 8.11
C MET A 693 -10.98 -4.94 9.62
N ASP A 694 -9.88 -5.59 10.02
CA ASP A 694 -9.57 -5.89 11.42
C ASP A 694 -9.47 -4.59 12.25
N VAL A 695 -8.78 -3.55 11.72
CA VAL A 695 -8.70 -2.23 12.38
C VAL A 695 -10.11 -1.65 12.58
N LEU A 696 -10.93 -1.63 11.50
CA LEU A 696 -12.30 -1.09 11.54
C LEU A 696 -13.19 -1.85 12.49
N TRP A 697 -13.04 -3.20 12.55
CA TRP A 697 -13.82 -4.00 13.49
C TRP A 697 -13.38 -3.70 14.93
N LYS A 698 -12.07 -3.63 15.17
CA LYS A 698 -11.53 -3.34 16.50
C LYS A 698 -11.93 -1.98 17.02
N GLN A 699 -12.05 -1.00 16.12
CA GLN A 699 -12.47 0.34 16.50
C GLN A 699 -13.94 0.37 16.95
N GLU A 700 -14.76 -0.69 16.64
CA GLU A 700 -16.15 -0.83 17.13
C GLU A 700 -16.23 -1.87 18.26
N GLY A 701 -15.08 -2.21 18.83
CA GLY A 701 -14.97 -3.17 19.91
C GLY A 701 -15.09 -4.64 19.49
N LEU A 702 -14.94 -4.93 18.19
CA LEU A 702 -15.07 -6.29 17.65
C LEU A 702 -13.71 -6.90 17.25
N ASP A 703 -13.23 -7.85 18.05
CA ASP A 703 -11.98 -8.53 17.75
C ASP A 703 -12.27 -9.93 17.15
N LEU A 704 -12.13 -10.08 15.82
CA LEU A 704 -12.41 -11.36 15.16
C LEU A 704 -11.20 -12.26 15.06
N ARG A 705 -10.11 -11.91 15.80
CA ARG A 705 -8.92 -12.77 15.95
C ARG A 705 -8.33 -13.16 14.60
N MET A 706 -8.17 -12.18 13.74
CA MET A 706 -7.65 -12.32 12.39
C MET A 706 -6.13 -12.55 12.44
N THR A 707 -5.54 -12.99 11.33
CA THR A 707 -4.11 -13.21 11.29
C THR A 707 -3.58 -12.48 10.06
N PRO A 708 -3.40 -11.16 10.14
CA PRO A 708 -2.94 -10.42 8.96
C PRO A 708 -1.42 -10.50 8.90
N TYR A 709 -0.93 -11.63 8.43
CA TYR A 709 0.51 -11.86 8.36
C TYR A 709 1.18 -10.96 7.26
N GLY A 710 2.47 -10.67 7.41
CA GLY A 710 3.20 -9.86 6.44
C GLY A 710 3.38 -10.49 5.07
N CYS A 711 3.32 -9.66 4.04
CA CYS A 711 3.57 -10.07 2.66
C CYS A 711 4.13 -8.84 1.93
N LEU A 712 5.35 -8.97 1.39
CA LEU A 712 5.99 -7.82 0.77
C LEU A 712 6.76 -8.15 -0.49
N PRO A 713 6.33 -7.59 -1.65
CA PRO A 713 7.14 -7.72 -2.87
C PRO A 713 8.41 -6.92 -2.64
N THR A 714 9.55 -7.48 -3.03
CA THR A 714 10.84 -6.79 -2.85
C THR A 714 11.56 -6.55 -4.19
N GLY A 715 11.12 -7.24 -5.23
CA GLY A 715 11.73 -7.13 -6.57
C GLY A 715 10.84 -7.75 -7.61
N ASP A 716 11.39 -7.95 -8.81
CA ASP A 716 10.66 -8.54 -9.94
C ASP A 716 10.25 -9.96 -9.58
N ARG A 717 8.95 -10.21 -9.41
CA ARG A 717 8.39 -11.53 -9.05
C ARG A 717 9.12 -12.13 -7.83
N THR A 718 9.45 -11.25 -6.88
CA THR A 718 10.19 -11.64 -5.70
C THR A 718 9.53 -10.99 -4.50
N GLY A 719 9.54 -11.69 -3.37
CA GLY A 719 9.00 -11.14 -2.15
C GLY A 719 9.09 -12.10 -1.00
N LEU A 720 8.69 -11.60 0.18
CA LEU A 720 8.71 -12.34 1.43
C LEU A 720 7.33 -12.46 1.96
N ILE A 721 7.08 -13.52 2.70
CA ILE A 721 5.84 -13.79 3.40
C ILE A 721 6.24 -14.12 4.85
N GLU A 722 5.53 -13.56 5.81
CA GLU A 722 5.79 -13.86 7.21
C GLU A 722 5.29 -15.26 7.58
N VAL A 723 6.12 -16.00 8.33
CA VAL A 723 5.74 -17.32 8.82
C VAL A 723 4.89 -17.16 10.09
N VAL A 724 3.74 -17.84 10.11
CA VAL A 724 2.87 -17.92 11.26
C VAL A 724 3.23 -19.30 11.85
N LEU A 725 4.00 -19.31 12.93
CA LEU A 725 4.39 -20.56 13.57
C LEU A 725 3.18 -21.20 14.24
N HIS A 726 3.27 -22.49 14.60
CA HIS A 726 2.21 -23.23 15.29
C HIS A 726 0.88 -23.19 14.48
N SER A 727 0.99 -23.39 13.16
CA SER A 727 -0.13 -23.38 12.26
C SER A 727 0.03 -24.47 11.23
N ASP A 728 -1.07 -25.04 10.77
CA ASP A 728 -1.02 -26.08 9.76
C ASP A 728 -2.16 -25.89 8.79
N THR A 729 -2.07 -26.46 7.60
CA THR A 729 -3.14 -26.34 6.61
C THR A 729 -4.29 -27.27 7.01
N ILE A 730 -5.54 -26.88 6.63
CA ILE A 730 -6.72 -27.75 6.78
C ILE A 730 -6.44 -29.11 6.08
N ALA A 731 -5.84 -29.09 4.87
CA ALA A 731 -5.52 -30.32 4.09
C ALA A 731 -4.60 -31.27 4.87
N ASN A 732 -3.53 -30.73 5.49
CA ASN A 732 -2.63 -31.58 6.31
C ASN A 732 -3.36 -32.15 7.49
N ILE A 733 -4.20 -31.35 8.18
CA ILE A 733 -5.00 -31.82 9.31
C ILE A 733 -6.02 -32.87 8.85
N GLN A 734 -6.69 -32.64 7.70
CA GLN A 734 -7.70 -33.57 7.16
C GLN A 734 -7.13 -34.80 6.49
N LEU A 735 -5.78 -34.91 6.31
CA LEU A 735 -5.18 -36.14 5.75
C LEU A 735 -5.57 -37.32 6.66
N ASN A 736 -5.87 -37.00 7.94
CA ASN A 736 -6.32 -37.94 8.96
C ASN A 736 -5.35 -39.12 9.08
N LYS A 737 -4.05 -38.79 9.20
CA LYS A 737 -2.96 -39.76 9.31
C LYS A 737 -3.12 -40.68 10.53
N SER A 738 -2.67 -41.93 10.42
CA SER A 738 -2.74 -42.88 11.54
C SER A 738 -1.59 -42.61 12.53
N ASN A 739 -1.69 -43.17 13.76
CA ASN A 739 -0.71 -43.05 14.85
C ASN A 739 -0.53 -41.59 15.31
N MET A 740 -1.59 -40.79 15.15
CA MET A 740 -1.62 -39.37 15.54
C MET A 740 -2.71 -39.19 16.61
N ALA A 741 -2.69 -38.05 17.32
CA ALA A 741 -3.65 -37.71 18.37
C ALA A 741 -5.04 -37.38 17.81
N ALA A 742 -5.09 -36.78 16.60
CA ALA A 742 -6.33 -36.36 15.92
C ALA A 742 -7.05 -37.45 15.03
N THR A 743 -6.52 -38.69 14.92
CA THR A 743 -7.12 -39.74 14.06
C THR A 743 -8.60 -40.05 14.44
N ALA A 744 -9.50 -39.71 13.52
CA ALA A 744 -10.95 -39.76 13.72
C ALA A 744 -11.70 -40.96 13.11
N ALA A 745 -12.88 -41.26 13.68
CA ALA A 745 -13.83 -42.26 13.22
C ALA A 745 -14.47 -41.80 11.91
N PHE A 746 -14.69 -40.48 11.80
CA PHE A 746 -15.27 -39.76 10.67
C PHE A 746 -14.37 -38.60 10.34
N ASN A 747 -14.13 -38.35 9.03
CA ASN A 747 -13.28 -37.24 8.58
C ASN A 747 -13.76 -35.89 9.18
N LYS A 748 -15.06 -35.69 9.38
CA LYS A 748 -15.59 -34.47 9.99
C LYS A 748 -15.04 -34.21 11.39
N ASP A 749 -14.57 -35.25 12.12
CA ASP A 749 -14.05 -35.08 13.48
C ASP A 749 -12.58 -34.62 13.51
N ALA A 750 -11.86 -34.76 12.38
CA ALA A 750 -10.42 -34.48 12.28
C ALA A 750 -9.99 -33.07 12.79
N LEU A 751 -10.63 -31.97 12.35
CA LEU A 751 -10.25 -30.61 12.79
C LEU A 751 -10.49 -30.44 14.29
N LEU A 752 -11.68 -30.85 14.79
CA LEU A 752 -12.02 -30.81 16.19
C LEU A 752 -11.05 -31.65 17.04
N ASN A 753 -10.68 -32.87 16.60
CA ASN A 753 -9.72 -33.72 17.31
C ASN A 753 -8.34 -33.07 17.32
N TRP A 754 -7.97 -32.35 16.24
CA TRP A 754 -6.69 -31.66 16.17
C TRP A 754 -6.72 -30.50 17.17
N LEU A 755 -7.81 -29.72 17.21
CA LEU A 755 -7.98 -28.64 18.16
C LEU A 755 -7.96 -29.12 19.63
N LYS A 756 -8.61 -30.28 19.91
CA LYS A 756 -8.65 -30.91 21.23
C LYS A 756 -7.22 -31.33 21.68
N SER A 757 -6.41 -31.89 20.76
CA SER A 757 -5.02 -32.28 21.06
C SER A 757 -4.13 -31.07 21.42
N LYS A 758 -4.38 -29.89 20.80
CA LYS A 758 -3.56 -28.70 21.04
C LYS A 758 -4.11 -27.89 22.20
N ASN A 759 -5.34 -28.21 22.62
CA ASN A 759 -6.02 -27.41 23.64
C ASN A 759 -6.70 -28.31 24.67
N PRO A 760 -5.93 -29.06 25.49
CA PRO A 760 -6.57 -29.98 26.47
C PRO A 760 -7.43 -29.30 27.55
N GLY A 761 -8.40 -30.07 28.05
CA GLY A 761 -9.32 -29.71 29.11
C GLY A 761 -10.09 -28.45 28.89
N GLU A 762 -9.93 -27.48 29.81
CA GLU A 762 -10.61 -26.18 29.80
C GLU A 762 -10.18 -25.26 28.67
N ALA A 763 -9.00 -25.49 28.08
CA ALA A 763 -8.53 -24.64 26.97
C ALA A 763 -9.35 -24.85 25.69
N LEU A 764 -10.03 -26.01 25.53
CA LEU A 764 -10.81 -26.33 24.33
C LEU A 764 -11.84 -25.25 23.96
N ASP A 765 -12.65 -24.81 24.93
CA ASP A 765 -13.68 -23.79 24.73
C ASP A 765 -13.15 -22.49 24.15
N ARG A 766 -11.99 -22.03 24.62
CA ARG A 766 -11.41 -20.81 24.07
C ARG A 766 -10.94 -20.99 22.62
N ALA A 767 -10.43 -22.20 22.26
CA ALA A 767 -9.95 -22.43 20.88
C ALA A 767 -11.15 -22.49 19.89
N ILE A 768 -12.26 -23.11 20.30
CA ILE A 768 -13.48 -23.15 19.47
C ILE A 768 -14.02 -21.71 19.25
N GLU A 769 -13.93 -20.86 20.29
CA GLU A 769 -14.34 -19.46 20.19
C GLU A 769 -13.44 -18.70 19.24
N GLU A 770 -12.09 -18.90 19.35
CA GLU A 770 -11.08 -18.29 18.45
C GLU A 770 -11.40 -18.72 16.99
N PHE A 771 -11.72 -20.03 16.80
CA PHE A 771 -12.05 -20.57 15.47
C PHE A 771 -13.31 -19.88 14.93
N THR A 772 -14.34 -19.73 15.77
CA THR A 772 -15.65 -19.17 15.37
C THR A 772 -15.50 -17.71 14.92
N LEU A 773 -14.84 -16.90 15.75
CA LEU A 773 -14.61 -15.48 15.47
C LEU A 773 -13.83 -15.29 14.20
N SER A 774 -12.72 -16.03 14.01
CA SER A 774 -11.86 -15.85 12.80
C SER A 774 -12.58 -16.40 11.56
N CYS A 775 -13.30 -17.50 11.70
CA CYS A 775 -14.12 -17.99 10.60
C CYS A 775 -15.14 -16.92 10.18
N ALA A 776 -15.77 -16.21 11.15
CA ALA A 776 -16.70 -15.15 10.80
C ALA A 776 -15.97 -14.02 10.07
N GLY A 777 -14.79 -13.63 10.55
CA GLY A 777 -13.99 -12.58 9.94
C GLY A 777 -13.56 -12.93 8.51
N TYR A 778 -13.06 -14.18 8.30
CA TYR A 778 -12.63 -14.60 6.97
C TYR A 778 -13.78 -14.88 6.02
N CYS A 779 -14.92 -15.36 6.53
CA CYS A 779 -16.10 -15.55 5.67
C CYS A 779 -16.52 -14.13 5.09
N VAL A 780 -16.57 -13.08 5.97
CA VAL A 780 -16.95 -11.72 5.55
C VAL A 780 -15.89 -11.13 4.62
N ALA A 781 -14.60 -11.27 4.98
CA ALA A 781 -13.47 -10.74 4.20
C ALA A 781 -13.46 -11.30 2.79
N THR A 782 -13.59 -12.64 2.65
CA THR A 782 -13.55 -13.29 1.35
C THR A 782 -14.79 -12.96 0.48
N TYR A 783 -15.94 -12.78 1.12
CA TYR A 783 -17.18 -12.38 0.46
C TYR A 783 -17.05 -10.93 -0.09
N VAL A 784 -16.67 -9.99 0.77
CA VAL A 784 -16.54 -8.57 0.37
C VAL A 784 -15.46 -8.42 -0.74
N LEU A 785 -14.33 -9.12 -0.59
CA LEU A 785 -13.23 -9.02 -1.53
C LEU A 785 -13.34 -9.95 -2.74
N GLY A 786 -14.32 -10.85 -2.74
CA GLY A 786 -14.52 -11.83 -3.81
C GLY A 786 -13.39 -12.81 -3.98
N ILE A 787 -12.84 -13.29 -2.85
N ILE A 787 -12.81 -13.27 -2.85
CA ILE A 787 -11.75 -14.25 -2.81
CA ILE A 787 -11.70 -14.22 -2.84
C ILE A 787 -12.32 -15.61 -3.15
C ILE A 787 -12.29 -15.59 -3.14
N GLY A 788 -11.88 -16.16 -4.28
CA GLY A 788 -12.30 -17.46 -4.75
C GLY A 788 -11.15 -18.43 -4.73
N ASP A 789 -11.36 -19.62 -5.35
CA ASP A 789 -10.35 -20.69 -5.44
C ASP A 789 -9.93 -21.09 -4.02
N ARG A 790 -10.93 -21.32 -3.15
CA ARG A 790 -10.73 -21.66 -1.75
C ARG A 790 -10.84 -23.14 -1.51
N HIS A 791 -9.77 -23.71 -0.97
CA HIS A 791 -9.70 -25.14 -0.64
C HIS A 791 -8.85 -25.37 0.59
N SER A 792 -8.80 -26.62 1.06
CA SER A 792 -8.12 -27.08 2.25
C SER A 792 -6.61 -26.80 2.28
N ASP A 793 -5.96 -26.59 1.12
CA ASP A 793 -4.55 -26.27 1.09
C ASP A 793 -4.26 -24.76 1.16
N ASN A 794 -5.27 -23.88 1.01
CA ASN A 794 -5.00 -22.43 1.15
C ASN A 794 -5.77 -21.81 2.35
N ILE A 795 -6.26 -22.69 3.26
CA ILE A 795 -6.89 -22.33 4.52
C ILE A 795 -6.01 -23.00 5.60
N MET A 796 -5.60 -22.19 6.60
CA MET A 796 -4.75 -22.65 7.69
C MET A 796 -5.39 -22.45 9.05
N ILE A 797 -4.92 -23.19 10.04
CA ILE A 797 -5.43 -23.03 11.39
C ILE A 797 -4.25 -23.01 12.36
N ARG A 798 -4.28 -22.09 13.30
CA ARG A 798 -3.29 -21.89 14.36
C ARG A 798 -3.66 -22.83 15.50
N GLU A 799 -2.69 -23.24 16.34
CA GLU A 799 -2.96 -24.15 17.45
C GLU A 799 -3.94 -23.52 18.48
N SER A 800 -3.99 -22.19 18.50
CA SER A 800 -4.88 -21.35 19.30
C SER A 800 -6.35 -21.51 18.84
N GLY A 801 -6.56 -22.02 17.64
CA GLY A 801 -7.90 -22.19 17.09
C GLY A 801 -8.21 -21.24 15.94
N GLN A 802 -7.40 -20.18 15.77
CA GLN A 802 -7.61 -19.18 14.71
C GLN A 802 -7.44 -19.70 13.30
N LEU A 803 -8.47 -19.53 12.51
CA LEU A 803 -8.44 -19.88 11.09
C LEU A 803 -7.96 -18.67 10.30
N PHE A 804 -7.18 -18.88 9.22
CA PHE A 804 -6.76 -17.75 8.37
C PHE A 804 -6.54 -18.27 6.96
N HIS A 805 -6.60 -17.38 5.99
CA HIS A 805 -6.42 -17.74 4.58
C HIS A 805 -5.05 -17.39 4.07
N ILE A 806 -4.57 -18.14 3.10
CA ILE A 806 -3.30 -17.83 2.47
C ILE A 806 -3.46 -17.85 0.95
N ASP A 807 -2.41 -17.38 0.23
CA ASP A 807 -2.30 -17.49 -1.23
C ASP A 807 -3.49 -16.90 -1.96
N PHE A 808 -3.61 -15.58 -1.93
CA PHE A 808 -4.70 -14.83 -2.55
C PHE A 808 -4.37 -14.46 -4.01
N GLY A 809 -4.31 -15.46 -4.86
CA GLY A 809 -4.03 -15.26 -6.28
C GLY A 809 -5.18 -14.65 -7.06
N HIS A 810 -6.41 -14.83 -6.55
CA HIS A 810 -7.62 -14.34 -7.20
C HIS A 810 -8.58 -13.62 -6.23
N PHE A 811 -9.06 -12.44 -6.64
CA PHE A 811 -10.04 -11.66 -5.90
C PHE A 811 -11.03 -10.95 -6.84
N LEU A 812 -11.97 -10.18 -6.26
CA LEU A 812 -13.02 -9.41 -6.94
C LEU A 812 -13.81 -10.29 -7.94
N GLY A 813 -14.11 -11.52 -7.53
CA GLY A 813 -14.89 -12.46 -8.34
C GLY A 813 -14.17 -13.22 -9.44
N ASN A 814 -12.92 -12.81 -9.79
CA ASN A 814 -12.09 -13.43 -10.82
C ASN A 814 -11.36 -14.65 -10.27
N PRO A 827 -19.92 -16.33 -4.67
CA PRO A 827 -20.92 -16.13 -3.61
C PRO A 827 -20.36 -16.37 -2.21
N PHE A 828 -21.18 -16.12 -1.16
CA PHE A 828 -20.82 -16.36 0.24
C PHE A 828 -20.53 -17.87 0.45
N ILE A 829 -19.48 -18.23 1.22
CA ILE A 829 -19.07 -19.64 1.39
C ILE A 829 -19.14 -20.10 2.86
N LEU A 830 -19.80 -21.25 3.06
CA LEU A 830 -19.93 -21.96 4.34
C LEU A 830 -19.62 -23.46 4.13
N THR A 831 -18.64 -24.00 4.90
CA THR A 831 -18.18 -25.38 4.80
C THR A 831 -18.57 -26.17 6.06
N TYR A 832 -19.08 -27.39 5.85
CA TYR A 832 -19.57 -28.32 6.87
C TYR A 832 -18.55 -28.69 7.96
N ASP A 833 -17.27 -28.93 7.59
CA ASP A 833 -16.18 -29.30 8.53
C ASP A 833 -16.00 -28.19 9.59
N PHE A 834 -16.17 -26.96 9.15
CA PHE A 834 -16.04 -25.75 9.94
C PHE A 834 -17.27 -25.55 10.83
N VAL A 835 -18.50 -25.82 10.31
CA VAL A 835 -19.77 -25.71 11.02
C VAL A 835 -19.76 -26.67 12.20
N HIS A 836 -19.21 -27.88 11.97
CA HIS A 836 -19.02 -28.93 12.97
C HIS A 836 -18.18 -28.43 14.16
N VAL A 837 -17.06 -27.73 13.90
CA VAL A 837 -16.20 -27.16 14.96
C VAL A 837 -17.01 -26.07 15.74
N ILE A 838 -17.60 -25.10 14.99
CA ILE A 838 -18.43 -24.01 15.52
C ILE A 838 -19.50 -24.60 16.45
N GLN A 839 -20.15 -25.70 16.01
CA GLN A 839 -21.21 -26.39 16.74
C GLN A 839 -20.68 -27.30 17.86
N GLN A 840 -19.37 -27.21 18.18
CA GLN A 840 -18.68 -27.95 19.25
C GLN A 840 -18.77 -29.48 19.04
N GLY A 841 -18.91 -29.89 17.78
CA GLY A 841 -18.97 -31.28 17.36
C GLY A 841 -20.36 -31.88 17.37
N LYS A 842 -21.39 -31.06 17.64
CA LYS A 842 -22.78 -31.51 17.68
C LYS A 842 -23.45 -31.32 16.31
N THR A 843 -24.34 -32.26 15.92
CA THR A 843 -25.10 -32.20 14.65
C THR A 843 -26.03 -30.99 14.67
N ASN A 844 -26.70 -30.77 15.80
CA ASN A 844 -27.61 -29.63 15.95
C ASN A 844 -27.20 -28.75 17.12
N ASN A 845 -26.84 -27.50 16.81
CA ASN A 845 -26.42 -26.51 17.81
C ASN A 845 -26.68 -25.12 17.25
N SER A 846 -27.98 -24.79 17.06
CA SER A 846 -28.41 -23.51 16.50
C SER A 846 -27.97 -22.32 17.36
N GLU A 847 -27.74 -22.54 18.67
CA GLU A 847 -27.27 -21.50 19.58
C GLU A 847 -25.91 -21.05 19.13
N LYS A 848 -24.98 -22.01 18.93
CA LYS A 848 -23.62 -21.68 18.47
C LYS A 848 -23.60 -21.20 17.02
N PHE A 849 -24.37 -21.85 16.14
CA PHE A 849 -24.36 -21.49 14.71
C PHE A 849 -24.86 -20.06 14.47
N GLU A 850 -25.98 -19.69 15.10
CA GLU A 850 -26.57 -18.36 14.95
C GLU A 850 -25.75 -17.27 15.61
N ARG A 851 -24.97 -17.63 16.65
CA ARG A 851 -24.02 -16.70 17.27
C ARG A 851 -22.96 -16.38 16.24
N PHE A 852 -22.55 -17.40 15.46
CA PHE A 852 -21.57 -17.24 14.39
C PHE A 852 -22.18 -16.33 13.28
N ARG A 853 -23.46 -16.55 12.93
CA ARG A 853 -24.19 -15.71 11.97
C ARG A 853 -24.21 -14.23 12.46
N GLY A 854 -24.47 -14.00 13.75
CA GLY A 854 -24.45 -12.67 14.37
C GLY A 854 -23.10 -11.97 14.17
N TYR A 855 -22.00 -12.69 14.40
CA TYR A 855 -20.66 -12.16 14.18
C TYR A 855 -20.45 -11.72 12.73
N CYS A 856 -20.87 -12.57 11.77
CA CYS A 856 -20.82 -12.29 10.34
C CYS A 856 -21.57 -11.00 9.99
N GLU A 857 -22.82 -10.88 10.44
CA GLU A 857 -23.65 -9.70 10.15
C GLU A 857 -23.09 -8.43 10.74
N ARG A 858 -22.63 -8.48 12.02
CA ARG A 858 -22.02 -7.34 12.70
C ARG A 858 -20.75 -6.90 11.96
N ALA A 859 -19.88 -7.87 11.56
CA ALA A 859 -18.64 -7.57 10.84
C ALA A 859 -18.97 -6.93 9.50
N TYR A 860 -19.96 -7.50 8.80
CA TYR A 860 -20.40 -7.00 7.50
C TYR A 860 -20.98 -5.59 7.56
N THR A 861 -21.85 -5.31 8.56
CA THR A 861 -22.48 -4.00 8.69
C THR A 861 -21.44 -2.91 9.01
N ILE A 862 -20.41 -3.25 9.82
CA ILE A 862 -19.29 -2.35 10.12
C ILE A 862 -18.52 -1.99 8.82
N LEU A 863 -18.20 -2.99 7.96
CA LEU A 863 -17.48 -2.71 6.72
C LEU A 863 -18.26 -1.81 5.78
N ARG A 864 -19.58 -2.02 5.68
CA ARG A 864 -20.50 -1.24 4.86
C ARG A 864 -20.45 0.23 5.18
N ARG A 865 -20.39 0.56 6.47
CA ARG A 865 -20.31 1.92 6.98
C ARG A 865 -19.03 2.65 6.53
N HIS A 866 -17.98 1.88 6.21
CA HIS A 866 -16.69 2.37 5.71
C HIS A 866 -16.52 1.99 4.24
N GLY A 867 -17.63 1.68 3.57
CA GLY A 867 -17.64 1.28 2.17
C GLY A 867 -16.90 2.23 1.26
N LEU A 868 -17.07 3.56 1.49
CA LEU A 868 -16.41 4.58 0.69
C LEU A 868 -14.90 4.57 0.82
N LEU A 869 -14.37 4.27 2.03
CA LEU A 869 -12.93 4.15 2.24
C LEU A 869 -12.36 3.01 1.36
N PHE A 870 -12.98 1.84 1.39
CA PHE A 870 -12.59 0.73 0.53
C PHE A 870 -12.67 1.16 -0.92
N LEU A 871 -13.82 1.76 -1.36
CA LEU A 871 -13.97 2.23 -2.75
C LEU A 871 -12.87 3.20 -3.17
N HIS A 872 -12.58 4.25 -2.37
CA HIS A 872 -11.55 5.24 -2.65
C HIS A 872 -10.16 4.61 -2.73
N LEU A 873 -9.86 3.65 -1.81
CA LEU A 873 -8.55 2.98 -1.80
C LEU A 873 -8.35 2.08 -3.01
N PHE A 874 -9.38 1.29 -3.39
CA PHE A 874 -9.33 0.45 -4.60
C PHE A 874 -9.25 1.31 -5.85
N ALA A 875 -9.92 2.48 -5.87
CA ALA A 875 -9.88 3.39 -7.01
C ALA A 875 -8.43 3.84 -7.23
N LEU A 876 -7.69 4.17 -6.14
CA LEU A 876 -6.27 4.56 -6.23
C LEU A 876 -5.40 3.42 -6.73
N MET A 877 -5.79 2.18 -6.41
CA MET A 877 -5.08 0.96 -6.77
C MET A 877 -5.15 0.62 -8.23
N ARG A 878 -6.07 1.27 -8.98
CA ARG A 878 -6.18 1.03 -10.43
C ARG A 878 -4.86 1.38 -11.14
N ALA A 879 -4.05 2.29 -10.52
CA ALA A 879 -2.72 2.72 -10.98
C ALA A 879 -1.67 1.59 -10.91
N ALA A 880 -1.88 0.59 -10.04
CA ALA A 880 -0.93 -0.50 -9.80
C ALA A 880 -0.61 -1.36 -11.02
N GLY A 881 -1.59 -1.62 -11.86
CA GLY A 881 -1.44 -2.47 -13.03
C GLY A 881 -1.62 -3.93 -12.66
N LEU A 882 -2.59 -4.21 -11.76
CA LEU A 882 -2.93 -5.57 -11.33
C LEU A 882 -3.96 -6.10 -12.34
N PRO A 883 -3.75 -7.29 -12.96
CA PRO A 883 -4.71 -7.74 -13.99
C PRO A 883 -6.15 -7.86 -13.52
N GLU A 884 -6.36 -8.19 -12.23
CA GLU A 884 -7.71 -8.30 -11.68
C GLU A 884 -8.26 -6.97 -11.11
N LEU A 885 -7.55 -5.87 -11.36
CA LEU A 885 -7.95 -4.53 -10.95
C LEU A 885 -7.50 -3.56 -12.07
N SER A 886 -8.13 -3.69 -13.26
CA SER A 886 -7.82 -2.95 -14.49
C SER A 886 -8.91 -1.94 -14.87
N CYS A 887 -10.18 -2.38 -14.81
CA CYS A 887 -11.35 -1.58 -15.17
C CYS A 887 -12.23 -1.21 -13.95
N SER A 888 -13.40 -0.61 -14.22
CA SER A 888 -14.41 -0.23 -13.24
C SER A 888 -15.29 -1.43 -12.96
N LYS A 889 -15.29 -2.42 -13.88
CA LYS A 889 -16.01 -3.70 -13.79
C LYS A 889 -15.49 -4.50 -12.59
N ASP A 890 -14.16 -4.44 -12.33
CA ASP A 890 -13.49 -5.07 -11.19
C ASP A 890 -13.96 -4.40 -9.88
N ILE A 891 -14.08 -3.06 -9.89
CA ILE A 891 -14.58 -2.27 -8.75
C ILE A 891 -16.12 -2.49 -8.55
N GLN A 892 -16.83 -3.00 -9.57
CA GLN A 892 -18.26 -3.26 -9.48
C GLN A 892 -18.50 -4.38 -8.47
N TYR A 893 -17.59 -5.37 -8.42
CA TYR A 893 -17.68 -6.43 -7.44
C TYR A 893 -17.75 -5.81 -6.02
N LEU A 894 -16.87 -4.83 -5.71
CA LEU A 894 -16.86 -4.17 -4.38
C LEU A 894 -18.13 -3.40 -4.11
N LYS A 895 -18.62 -2.64 -5.13
CA LYS A 895 -19.84 -1.86 -5.01
C LYS A 895 -20.99 -2.78 -4.69
N ASP A 896 -21.03 -3.93 -5.34
CA ASP A 896 -22.09 -4.93 -5.13
C ASP A 896 -21.96 -5.66 -3.82
N SER A 897 -20.72 -6.13 -3.48
CA SER A 897 -20.50 -6.87 -2.24
C SER A 897 -20.82 -6.02 -1.02
N LEU A 898 -20.52 -4.71 -1.07
CA LEU A 898 -20.84 -3.81 0.04
C LEU A 898 -22.27 -3.24 -0.05
N ALA A 899 -22.96 -3.40 -1.22
CA ALA A 899 -24.33 -2.91 -1.49
C ALA A 899 -24.52 -1.46 -0.98
N LEU A 900 -23.64 -0.57 -1.46
CA LEU A 900 -23.61 0.82 -1.01
C LEU A 900 -24.75 1.70 -1.56
N GLY A 901 -25.42 1.24 -2.61
CA GLY A 901 -26.57 1.95 -3.16
C GLY A 901 -27.83 1.71 -2.34
N LYS A 902 -27.81 0.67 -1.49
CA LYS A 902 -28.97 0.26 -0.67
C LYS A 902 -28.95 0.88 0.73
N THR A 903 -30.06 0.69 1.45
CA THR A 903 -30.21 1.10 2.84
C THR A 903 -29.52 -0.01 3.67
N GLU A 904 -29.19 0.26 4.96
CA GLU A 904 -28.59 -0.77 5.80
C GLU A 904 -29.52 -1.98 5.94
N GLU A 905 -30.83 -1.73 6.02
CA GLU A 905 -31.84 -2.77 6.14
C GLU A 905 -31.89 -3.67 4.90
N GLU A 906 -31.88 -3.07 3.68
CA GLU A 906 -31.89 -3.79 2.40
C GLU A 906 -30.58 -4.59 2.18
N ALA A 907 -29.41 -3.99 2.49
CA ALA A 907 -28.12 -4.66 2.33
C ALA A 907 -27.99 -5.84 3.29
N LEU A 908 -28.49 -5.68 4.54
CA LEU A 908 -28.50 -6.75 5.55
C LEU A 908 -29.45 -7.87 5.07
N LYS A 909 -30.60 -7.49 4.44
CA LYS A 909 -31.56 -8.43 3.85
C LYS A 909 -30.85 -9.24 2.74
N HIS A 910 -30.08 -8.54 1.86
CA HIS A 910 -29.31 -9.16 0.76
C HIS A 910 -28.23 -10.09 1.30
N PHE A 911 -27.54 -9.68 2.38
CA PHE A 911 -26.49 -10.49 2.98
C PHE A 911 -27.08 -11.77 3.58
N ARG A 912 -28.23 -11.66 4.31
CA ARG A 912 -28.94 -12.80 4.89
C ARG A 912 -29.35 -13.80 3.81
N VAL A 913 -29.78 -13.32 2.61
CA VAL A 913 -30.14 -14.17 1.46
C VAL A 913 -28.89 -14.89 0.93
N LYS A 914 -27.74 -14.20 0.82
CA LYS A 914 -26.48 -14.82 0.35
C LYS A 914 -25.92 -15.80 1.38
N PHE A 915 -26.11 -15.51 2.69
CA PHE A 915 -25.65 -16.33 3.83
C PHE A 915 -26.53 -17.60 3.90
N ASN A 916 -27.86 -17.44 3.81
CA ASN A 916 -28.82 -18.54 3.81
C ASN A 916 -28.61 -19.47 2.62
N GLU A 917 -28.20 -18.89 1.47
CA GLU A 917 -27.87 -19.61 0.23
C GLU A 917 -26.62 -20.48 0.44
N ALA A 918 -25.60 -19.91 1.10
CA ALA A 918 -24.35 -20.61 1.43
C ALA A 918 -24.59 -21.75 2.42
N LEU A 919 -25.63 -21.61 3.28
CA LEU A 919 -26.03 -22.62 4.27
C LEU A 919 -26.68 -23.84 3.58
N ARG A 920 -27.54 -23.59 2.55
CA ARG A 920 -28.20 -24.63 1.75
C ARG A 920 -27.15 -25.35 0.90
N GLU A 921 -26.15 -24.60 0.43
CA GLU A 921 -25.00 -25.10 -0.34
C GLU A 921 -24.10 -25.97 0.57
N SER A 922 -23.95 -25.57 1.85
CA SER A 922 -23.19 -26.29 2.88
C SER A 922 -23.91 -27.61 3.23
N TRP A 923 -25.26 -27.59 3.27
CA TRP A 923 -26.12 -28.73 3.59
C TRP A 923 -26.10 -29.84 2.55
N LYS A 924 -25.65 -29.54 1.30
CA LYS A 924 -25.50 -30.51 0.22
C LYS A 924 -24.30 -31.44 0.48
N THR A 925 -23.56 -31.15 1.57
CA THR A 925 -22.41 -31.90 2.09
C THR A 925 -22.85 -32.56 3.42
N LYS A 926 -23.78 -31.91 4.16
CA LYS A 926 -24.35 -32.40 5.42
C LYS A 926 -25.23 -33.64 5.17
N VAL A 927 -25.94 -33.68 4.01
CA VAL A 927 -26.81 -34.78 3.57
C VAL A 927 -26.01 -36.10 3.47
N ASN A 928 -24.73 -36.01 3.04
CA ASN A 928 -23.82 -37.15 2.92
C ASN A 928 -23.25 -37.54 4.28
#